data_9E3S
#
_entry.id   9E3S
#
_cell.length_a   47.920
_cell.length_b   101.500
_cell.length_c   66.800
_cell.angle_alpha   90.000
_cell.angle_beta   90.640
_cell.angle_gamma   90.000
#
_symmetry.space_group_name_H-M   'P 1 21 1'
#
loop_
_entity.id
_entity.type
_entity.pdbx_description
1 polymer 'Isoform 2B of GTPase KRas'
2 polymer 'Peptidyl-prolyl cis-trans isomerase A'
3 non-polymer 'PHOSPHOAMINOPHOSPHONIC ACID-GUANYLATE ESTER'
4 non-polymer 'MAGNESIUM ION'
5 non-polymer 'CHLORIDE ION'
6 non-polymer '(2R)-2-{(5S)-7-[(2R,3R)-3-cyclopropyl-1-methylaziridine-2-carbonyl]-2,7-diazaspiro[4.4]nonan-2-yl}-N-[(1P,7S,9S,13S,20M)-20-{5-(4-cyclopropylpiperazin-1-yl)-2-[(1R)-1-methoxyethyl]pyridin-3-yl}-17,17-dimethyl-8,14-dioxo-21-(2,2,2-trifluoroethyl)-15-oxa-4-thia-9,21,27,28-tetraazapentacyclo[17.5.2.1~2,5~.1~9,13~.0~22,26~]octacosa-1(24),2,5(28),19,22,25-hexaen-7-yl]-3-methylbutanamide (non-preferred name)'
7 non-polymer GLYCEROL
8 water water
#
loop_
_entity_poly.entity_id
_entity_poly.type
_entity_poly.pdbx_seq_one_letter_code
_entity_poly.pdbx_strand_id
1 'polypeptide(L)'
;SMTEYKLVVVGANGVGKSALTIQLIQNHFVDEYDPTIEDSYRKQVVIDGETCLLDILDTAGQEEYSAMRDQYMRTGEGFL
CVFAINNTKSFEDIHHYREQIKRVKDSEDVPMVLVGNKCDLPSRTVDTKQAQDLARSYGIPFIETSAKTRQGVDDAFYTL
VREIRKHKEK
;
A,B
2 'polypeptide(L)'
;SMVNPTVFFDIAVDGEPLGRVSFELFADKVPKTAENFRALSTGEKGFGYKGSCFHRIIPGFMCQGGDFTRHNGTGGKSIY
GEKFEDENFILKHTGPGILSMANAGPNTNGSQFFICTAKTEWLDGKHVVFGKVKEGMNIVEAMERFGSRNGKTSKKITIA
DCGQLE
;
C,D
#
# COMPACT_ATOMS: atom_id res chain seq x y z
N SER A 1 -4.33 26.47 -0.62
CA SER A 1 -3.01 25.95 -0.29
C SER A 1 -3.04 24.44 -0.25
N MET A 2 -1.86 23.82 -0.36
CA MET A 2 -1.64 22.45 0.07
C MET A 2 -0.37 22.36 0.89
N THR A 3 -0.42 21.52 1.93
CA THR A 3 0.74 21.08 2.67
C THR A 3 0.64 19.56 2.83
N GLU A 4 1.63 18.97 3.49
CA GLU A 4 1.68 17.53 3.70
C GLU A 4 2.33 17.29 5.06
N TYR A 5 1.83 16.29 5.79
CA TYR A 5 2.33 15.98 7.12
C TYR A 5 2.57 14.49 7.27
N LYS A 6 3.72 14.15 7.84
CA LYS A 6 4.05 12.77 8.16
C LYS A 6 3.65 12.50 9.61
N LEU A 7 2.61 11.71 9.79
CA LEU A 7 2.10 11.36 11.11
C LEU A 7 2.48 9.92 11.42
N VAL A 8 2.87 9.65 12.65
CA VAL A 8 3.27 8.31 13.08
C VAL A 8 2.41 7.93 14.28
N VAL A 9 1.78 6.76 14.22
CA VAL A 9 0.91 6.28 15.29
C VAL A 9 1.68 5.23 16.08
N VAL A 10 1.86 5.48 17.39
CA VAL A 10 2.66 4.63 18.27
C VAL A 10 1.86 4.30 19.52
N GLY A 11 2.29 3.24 20.19
CA GLY A 11 1.64 2.79 21.40
C GLY A 11 1.69 1.29 21.52
N ALA A 12 1.32 0.80 22.70
CA ALA A 12 1.47 -0.62 23.02
C ALA A 12 0.58 -1.49 22.14
N ASN A 13 0.91 -2.78 22.08
CA ASN A 13 0.09 -3.70 21.29
C ASN A 13 -1.36 -3.70 21.75
N GLY A 14 -2.27 -3.72 20.78
CA GLY A 14 -3.68 -3.93 21.04
C GLY A 14 -4.47 -2.70 21.44
N VAL A 15 -3.84 -1.53 21.50
CA VAL A 15 -4.53 -0.35 21.99
C VAL A 15 -5.50 0.25 20.97
N GLY A 16 -5.36 -0.10 19.70
CA GLY A 16 -6.24 0.38 18.64
C GLY A 16 -5.58 1.31 17.63
N LYS A 17 -4.25 1.28 17.49
CA LYS A 17 -3.57 2.13 16.52
C LYS A 17 -4.12 1.87 15.12
N SER A 18 -4.20 0.59 14.75
CA SER A 18 -4.67 0.27 13.41
C SER A 18 -6.15 0.55 13.25
N ALA A 19 -6.96 0.20 14.26
CA ALA A 19 -8.39 0.47 14.15
C ALA A 19 -8.66 1.97 13.97
N LEU A 20 -7.93 2.82 14.69
CA LEU A 20 -8.09 4.26 14.52
C LEU A 20 -7.70 4.69 13.11
N THR A 21 -6.56 4.19 12.63
CA THR A 21 -6.09 4.55 11.29
C THR A 21 -7.07 4.06 10.22
N ILE A 22 -7.56 2.83 10.36
CA ILE A 22 -8.47 2.28 9.36
CA ILE A 22 -8.47 2.28 9.36
C ILE A 22 -9.80 3.03 9.36
N GLN A 23 -10.26 3.48 10.53
CA GLN A 23 -11.45 4.34 10.53
C GLN A 23 -11.19 5.61 9.75
N LEU A 24 -10.04 6.24 9.96
CA LEU A 24 -9.72 7.47 9.24
C LEU A 24 -9.66 7.23 7.73
N ILE A 25 -8.98 6.17 7.30
CA ILE A 25 -8.69 5.95 5.88
C ILE A 25 -9.86 5.27 5.16
N GLN A 26 -10.48 4.28 5.82
CA GLN A 26 -11.39 3.36 5.16
C GLN A 26 -12.80 3.41 5.73
N ASN A 27 -13.03 4.20 6.79
CA ASN A 27 -14.38 4.48 7.30
CA ASN A 27 -14.37 4.47 7.31
C ASN A 27 -15.11 3.20 7.74
N HIS A 28 -14.40 2.29 8.38
CA HIS A 28 -15.02 1.10 8.94
C HIS A 28 -14.21 0.61 10.13
N PHE A 29 -14.89 -0.06 11.04
N PHE A 29 -14.83 -0.26 10.92
CA PHE A 29 -14.29 -0.53 12.27
CA PHE A 29 -14.23 -0.90 12.10
C PHE A 29 -13.87 -1.98 12.09
C PHE A 29 -14.61 -2.39 12.12
N VAL A 30 -12.64 -2.28 12.46
N VAL A 30 -13.66 -3.23 12.50
CA VAL A 30 -12.09 -3.62 12.43
CA VAL A 30 -13.89 -4.66 12.60
C VAL A 30 -12.19 -4.23 13.82
C VAL A 30 -13.33 -5.18 13.91
N ASP A 31 -12.98 -5.30 13.95
N ASP A 31 -14.02 -6.16 14.50
CA ASP A 31 -13.17 -5.98 15.24
CA ASP A 31 -13.59 -6.66 15.78
C ASP A 31 -12.12 -7.07 15.47
C ASP A 31 -12.32 -7.50 15.68
N GLU A 32 -11.94 -7.95 14.48
CA GLU A 32 -10.80 -8.86 14.40
C GLU A 32 -9.49 -8.10 14.58
N TYR A 33 -8.60 -8.68 15.37
CA TYR A 33 -7.26 -8.13 15.59
C TYR A 33 -6.35 -8.70 14.50
N ASP A 34 -5.77 -7.82 13.69
CA ASP A 34 -4.79 -8.21 12.67
C ASP A 34 -3.48 -7.54 13.08
N PRO A 35 -2.57 -8.26 13.75
CA PRO A 35 -1.36 -7.61 14.29
C PRO A 35 -0.54 -6.93 13.20
N THR A 36 -0.04 -5.74 13.51
CA THR A 36 0.70 -4.95 12.54
C THR A 36 2.18 -5.32 12.53
N ILE A 37 2.76 -5.30 11.33
CA ILE A 37 4.21 -5.25 11.14
C ILE A 37 4.53 -3.80 10.79
N GLU A 38 3.98 -3.30 9.68
CA GLU A 38 4.07 -1.89 9.31
C GLU A 38 3.09 -1.62 8.18
N ASP A 39 2.34 -0.52 8.27
CA ASP A 39 1.48 -0.13 7.17
C ASP A 39 1.49 1.38 7.02
N SER A 40 1.27 1.85 5.80
CA SER A 40 1.37 3.26 5.46
C SER A 40 0.15 3.63 4.63
N TYR A 41 -0.41 4.82 4.88
CA TYR A 41 -1.61 5.27 4.18
C TYR A 41 -1.47 6.74 3.85
N ARG A 42 -2.25 7.19 2.86
CA ARG A 42 -2.26 8.59 2.44
C ARG A 42 -3.72 9.02 2.31
N LYS A 43 -4.03 10.23 2.76
CA LYS A 43 -5.39 10.77 2.64
CA LYS A 43 -5.39 10.77 2.65
C LYS A 43 -5.33 12.29 2.56
N GLN A 44 -6.11 12.85 1.65
CA GLN A 44 -6.22 14.29 1.53
C GLN A 44 -7.41 14.76 2.38
N VAL A 45 -7.18 15.78 3.22
CA VAL A 45 -8.20 16.32 4.11
C VAL A 45 -8.10 17.84 4.11
N VAL A 46 -9.09 18.49 4.72
CA VAL A 46 -9.04 19.92 4.97
C VAL A 46 -9.16 20.14 6.46
N ILE A 47 -8.21 20.86 7.03
CA ILE A 47 -8.18 21.09 8.48
C ILE A 47 -8.04 22.59 8.68
N ASP A 48 -9.01 23.19 9.37
CA ASP A 48 -8.99 24.63 9.60
C ASP A 48 -8.93 25.40 8.29
N GLY A 49 -9.64 24.90 7.27
CA GLY A 49 -9.68 25.55 5.97
C GLY A 49 -8.46 25.35 5.10
N GLU A 50 -7.47 24.61 5.56
CA GLU A 50 -6.21 24.44 4.84
C GLU A 50 -6.08 22.98 4.43
N THR A 51 -6.03 22.76 3.11
CA THR A 51 -5.95 21.41 2.57
C THR A 51 -4.57 20.83 2.82
N CYS A 52 -4.52 19.53 3.09
CA CYS A 52 -3.26 18.86 3.32
C CYS A 52 -3.38 17.38 3.02
N LEU A 53 -2.25 16.80 2.70
CA LEU A 53 -2.12 15.36 2.55
C LEU A 53 -1.55 14.81 3.86
N LEU A 54 -2.23 13.82 4.41
CA LEU A 54 -1.72 13.10 5.58
C LEU A 54 -1.04 11.82 5.11
N ASP A 55 0.23 11.66 5.49
CA ASP A 55 0.95 10.41 5.28
C ASP A 55 1.01 9.76 6.65
N ILE A 56 0.29 8.65 6.82
CA ILE A 56 0.17 8.04 8.14
C ILE A 56 0.94 6.74 8.16
N LEU A 57 1.86 6.62 9.12
CA LEU A 57 2.60 5.38 9.36
C LEU A 57 2.00 4.71 10.58
N ASP A 58 1.42 3.54 10.38
CA ASP A 58 0.83 2.72 11.44
C ASP A 58 1.89 1.73 11.88
N THR A 59 2.42 1.90 13.08
CA THR A 59 3.52 1.10 13.55
C THR A 59 3.02 -0.04 14.44
N ALA A 60 3.86 -1.05 14.62
CA ALA A 60 3.57 -2.13 15.54
C ALA A 60 3.88 -1.71 16.97
N GLY A 61 3.13 -2.27 17.92
CA GLY A 61 3.46 -2.06 19.32
C GLY A 61 4.70 -2.80 19.81
N GLN A 62 5.35 -3.57 18.94
CA GLN A 62 6.50 -4.38 19.30
C GLN A 62 7.58 -3.52 19.96
N GLU A 63 8.24 -4.08 20.96
CA GLU A 63 9.13 -3.29 21.80
C GLU A 63 10.58 -3.28 21.34
N GLU A 64 11.02 -4.27 20.57
CA GLU A 64 12.42 -4.26 20.18
CA GLU A 64 12.41 -4.29 20.15
C GLU A 64 12.65 -3.37 18.96
N TYR A 65 13.70 -3.64 18.20
CA TYR A 65 13.94 -3.01 16.90
C TYR A 65 14.17 -1.51 17.03
N SER A 66 15.02 -1.13 17.99
CA SER A 66 15.25 0.27 18.27
C SER A 66 15.72 1.02 17.03
N ALA A 67 16.59 0.39 16.23
CA ALA A 67 17.16 1.09 15.08
C ALA A 67 16.08 1.42 14.06
N MET A 68 15.15 0.50 13.84
CA MET A 68 14.09 0.73 12.86
C MET A 68 13.09 1.75 13.40
N ARG A 69 12.78 1.64 14.68
CA ARG A 69 11.82 2.57 15.26
CA ARG A 69 11.82 2.57 15.26
C ARG A 69 12.40 3.98 15.34
N ASP A 70 13.71 4.09 15.61
CA ASP A 70 14.32 5.41 15.60
C ASP A 70 14.18 6.07 14.24
N GLN A 71 14.25 5.27 13.16
N GLN A 71 14.33 5.31 13.15
CA GLN A 71 14.07 5.75 11.81
CA GLN A 71 14.24 5.95 11.85
C GLN A 71 12.65 6.29 11.59
C GLN A 71 12.84 6.54 11.61
N TYR A 72 11.65 5.58 12.09
N TYR A 72 11.80 5.81 11.98
CA TYR A 72 10.29 6.10 12.07
CA TYR A 72 10.47 6.36 11.75
C TYR A 72 10.24 7.49 12.69
C TYR A 72 10.14 7.49 12.72
N MET A 73 10.91 7.64 13.81
CA MET A 73 10.77 8.82 14.65
C MET A 73 11.54 9.99 14.03
N ARG A 74 12.68 9.73 13.35
CA ARG A 74 13.40 10.81 12.69
C ARG A 74 12.57 11.42 11.58
N THR A 75 11.88 10.58 10.81
CA THR A 75 11.10 11.03 9.66
C THR A 75 9.74 11.62 10.05
N GLY A 76 9.15 11.14 11.14
CA GLY A 76 7.83 11.61 11.52
C GLY A 76 7.85 13.06 11.96
N GLU A 77 6.81 13.81 11.58
CA GLU A 77 6.64 15.17 12.09
C GLU A 77 5.79 15.27 13.33
N GLY A 78 4.86 14.36 13.52
CA GLY A 78 4.03 14.38 14.72
C GLY A 78 3.64 12.95 15.06
N PHE A 79 3.34 12.74 16.34
CA PHE A 79 3.13 11.40 16.89
C PHE A 79 1.80 11.34 17.62
N LEU A 80 0.97 10.36 17.24
CA LEU A 80 -0.19 9.99 18.03
C LEU A 80 0.26 8.91 18.99
N CYS A 81 0.24 9.22 20.28
CA CYS A 81 0.67 8.27 21.31
C CYS A 81 -0.59 7.68 21.93
N VAL A 82 -0.89 6.44 21.59
CA VAL A 82 -2.18 5.82 21.89
C VAL A 82 -2.04 4.85 23.06
N PHE A 83 -2.98 4.92 24.00
CA PHE A 83 -3.18 3.88 25.00
C PHE A 83 -4.65 3.51 24.99
N ALA A 84 -4.99 2.40 25.64
CA ALA A 84 -6.38 2.00 25.78
C ALA A 84 -6.85 2.28 27.20
N ILE A 85 -8.06 2.85 27.31
CA ILE A 85 -8.57 3.25 28.63
C ILE A 85 -8.84 2.08 29.55
N ASN A 86 -8.82 0.85 29.03
CA ASN A 86 -9.00 -0.36 29.84
C ASN A 86 -7.72 -1.17 29.96
N ASN A 87 -6.56 -0.52 29.79
CA ASN A 87 -5.27 -1.24 29.85
C ASN A 87 -4.28 -0.29 30.52
N THR A 88 -4.13 -0.45 31.85
CA THR A 88 -3.26 0.45 32.61
C THR A 88 -1.80 0.34 32.17
N LYS A 89 -1.34 -0.87 31.85
CA LYS A 89 0.03 -1.01 31.36
C LYS A 89 0.26 -0.16 30.11
N SER A 90 -0.72 -0.11 29.21
CA SER A 90 -0.53 0.68 27.99
C SER A 90 -0.41 2.17 28.31
N PHE A 91 -1.09 2.63 29.36
CA PHE A 91 -0.94 4.01 29.80
C PHE A 91 0.42 4.24 30.43
N GLU A 92 0.87 3.30 31.26
CA GLU A 92 2.20 3.39 31.87
C GLU A 92 3.32 3.36 30.82
N ASP A 93 3.07 2.77 29.66
CA ASP A 93 4.06 2.72 28.59
C ASP A 93 4.25 4.07 27.90
N ILE A 94 3.28 4.98 28.02
CA ILE A 94 3.34 6.22 27.25
C ILE A 94 4.63 6.97 27.47
N HIS A 95 5.11 7.06 28.72
CA HIS A 95 6.29 7.88 28.97
C HIS A 95 7.50 7.36 28.19
N HIS A 96 7.58 6.05 27.98
N HIS A 96 7.59 6.05 27.97
CA HIS A 96 8.69 5.49 27.22
CA HIS A 96 8.72 5.53 27.21
C HIS A 96 8.67 5.97 25.78
C HIS A 96 8.67 5.97 25.76
N TYR A 97 7.49 6.00 25.16
CA TYR A 97 7.36 6.53 23.81
C TYR A 97 7.76 7.99 23.76
N ARG A 98 7.30 8.79 24.72
CA ARG A 98 7.66 10.21 24.69
C ARG A 98 9.15 10.40 24.85
N GLU A 99 9.77 9.64 25.77
CA GLU A 99 11.22 9.76 25.98
CA GLU A 99 11.21 9.77 25.97
C GLU A 99 11.98 9.40 24.70
N GLN A 100 11.54 8.36 24.01
CA GLN A 100 12.29 7.94 22.83
C GLN A 100 12.13 8.95 21.70
N ILE A 101 10.94 9.51 21.55
CA ILE A 101 10.71 10.52 20.52
C ILE A 101 11.59 11.75 20.79
N LYS A 102 11.64 12.21 22.04
CA LYS A 102 12.46 13.37 22.38
C LYS A 102 13.94 13.09 22.13
N ARG A 103 14.40 11.88 22.45
CA ARG A 103 15.81 11.55 22.21
C ARG A 103 16.13 11.53 20.72
N VAL A 104 15.28 10.87 19.93
CA VAL A 104 15.58 10.72 18.51
C VAL A 104 15.52 12.07 17.80
N LYS A 105 14.55 12.90 18.16
CA LYS A 105 14.38 14.20 17.55
C LYS A 105 15.23 15.28 18.21
N ASP A 106 15.94 14.93 19.28
CA ASP A 106 16.83 15.84 19.97
C ASP A 106 16.11 17.13 20.36
N SER A 107 14.95 16.98 20.97
CA SER A 107 14.16 18.15 21.34
C SER A 107 13.18 17.78 22.44
N GLU A 108 12.88 18.75 23.29
CA GLU A 108 11.79 18.53 24.24
C GLU A 108 10.45 19.01 23.72
N ASP A 109 10.40 19.57 22.52
CA ASP A 109 9.19 20.14 21.94
C ASP A 109 8.94 19.42 20.63
N VAL A 110 8.22 18.30 20.69
CA VAL A 110 7.89 17.51 19.50
C VAL A 110 6.38 17.43 19.39
N PRO A 111 5.79 17.71 18.22
CA PRO A 111 4.33 17.61 18.10
C PRO A 111 3.82 16.21 18.43
N MET A 112 2.90 16.15 19.39
CA MET A 112 2.33 14.88 19.79
C MET A 112 0.97 15.11 20.44
N VAL A 113 0.15 14.07 20.39
CA VAL A 113 -1.18 14.06 21.00
C VAL A 113 -1.30 12.75 21.77
N LEU A 114 -1.79 12.83 23.00
CA LEU A 114 -2.10 11.65 23.79
C LEU A 114 -3.53 11.22 23.48
N VAL A 115 -3.71 9.96 23.08
CA VAL A 115 -5.01 9.42 22.69
C VAL A 115 -5.37 8.28 23.63
N GLY A 116 -6.51 8.43 24.32
CA GLY A 116 -7.09 7.36 25.11
C GLY A 116 -8.21 6.68 24.36
N ASN A 117 -7.94 5.51 23.81
CA ASN A 117 -8.85 4.81 22.91
C ASN A 117 -9.68 3.76 23.65
N LYS A 118 -10.71 3.25 22.96
CA LYS A 118 -11.65 2.25 23.47
C LYS A 118 -12.62 2.84 24.50
N CYS A 119 -12.97 4.13 24.38
CA CYS A 119 -13.84 4.77 25.36
CA CYS A 119 -13.84 4.75 25.36
C CYS A 119 -15.27 4.25 25.31
N ASP A 120 -15.61 3.40 24.33
CA ASP A 120 -16.92 2.79 24.29
C ASP A 120 -17.06 1.62 25.26
N LEU A 121 -15.95 1.13 25.83
CA LEU A 121 -16.01 -0.11 26.62
C LEU A 121 -16.32 0.19 28.09
N PRO A 122 -16.97 -0.75 28.77
CA PRO A 122 -17.37 -0.57 30.18
C PRO A 122 -16.32 -0.97 31.20
N SER A 123 -15.09 -1.24 30.77
CA SER A 123 -14.05 -1.85 31.58
C SER A 123 -12.89 -0.89 31.87
N ARG A 124 -13.19 0.42 31.95
CA ARG A 124 -12.14 1.42 32.15
C ARG A 124 -11.31 1.15 33.40
N THR A 125 -9.99 1.31 33.25
CA THR A 125 -9.04 1.29 34.36
C THR A 125 -8.22 2.57 34.48
N VAL A 126 -8.19 3.41 33.45
CA VAL A 126 -7.48 4.68 33.48
C VAL A 126 -8.52 5.79 33.41
N ASP A 127 -8.60 6.60 34.45
CA ASP A 127 -9.65 7.60 34.38
C ASP A 127 -9.17 8.83 33.62
N THR A 128 -10.15 9.60 33.12
CA THR A 128 -9.86 10.76 32.30
C THR A 128 -8.90 11.71 32.99
N LYS A 129 -9.02 11.88 34.31
CA LYS A 129 -8.20 12.86 35.00
C LYS A 129 -6.72 12.47 35.00
N GLN A 130 -6.41 11.17 35.16
CA GLN A 130 -5.00 10.76 35.10
C GLN A 130 -4.41 11.06 33.72
N ALA A 131 -5.17 10.82 32.67
CA ALA A 131 -4.67 11.08 31.33
C ALA A 131 -4.57 12.58 31.05
N GLN A 132 -5.56 13.36 31.48
CA GLN A 132 -5.47 14.81 31.33
C GLN A 132 -4.25 15.36 32.08
N ASP A 133 -4.00 14.84 33.29
CA ASP A 133 -2.87 15.32 34.08
C ASP A 133 -1.56 14.99 33.39
N LEU A 134 -1.44 13.78 32.83
CA LEU A 134 -0.22 13.42 32.14
C LEU A 134 0.00 14.32 30.91
N ALA A 135 -1.06 14.52 30.12
CA ALA A 135 -0.96 15.38 28.95
C ALA A 135 -0.58 16.80 29.35
N ARG A 136 -1.18 17.30 30.43
CA ARG A 136 -0.83 18.64 30.89
C ARG A 136 0.65 18.72 31.25
N SER A 137 1.18 17.68 31.91
CA SER A 137 2.59 17.65 32.28
C SER A 137 3.51 17.64 31.06
N TYR A 138 3.04 17.16 29.92
CA TYR A 138 3.83 17.16 28.70
C TYR A 138 3.60 18.40 27.84
N GLY A 139 2.60 19.20 28.16
CA GLY A 139 2.20 20.31 27.32
C GLY A 139 1.55 19.92 26.02
N ILE A 140 0.82 18.81 25.99
CA ILE A 140 0.22 18.29 24.75
C ILE A 140 -1.26 18.04 24.98
N PRO A 141 -2.05 18.00 23.89
CA PRO A 141 -3.48 17.69 24.03
C PRO A 141 -3.74 16.23 24.36
N PHE A 142 -4.88 16.01 25.02
CA PHE A 142 -5.41 14.67 25.25
C PHE A 142 -6.77 14.57 24.57
N ILE A 143 -6.97 13.50 23.79
CA ILE A 143 -8.20 13.24 23.05
C ILE A 143 -8.66 11.82 23.39
N GLU A 144 -9.91 11.68 23.82
CA GLU A 144 -10.52 10.39 24.05
C GLU A 144 -11.19 9.91 22.76
N THR A 145 -10.97 8.64 22.39
CA THR A 145 -11.47 8.12 21.13
C THR A 145 -12.14 6.76 21.31
N SER A 146 -12.95 6.42 20.32
CA SER A 146 -13.39 5.04 20.11
C SER A 146 -13.31 4.76 18.61
N ALA A 147 -12.40 3.87 18.23
CA ALA A 147 -12.38 3.41 16.84
C ALA A 147 -13.66 2.67 16.48
N LYS A 148 -14.33 2.07 17.47
CA LYS A 148 -15.53 1.31 17.18
C LYS A 148 -16.69 2.21 16.77
N THR A 149 -16.92 3.29 17.52
CA THR A 149 -18.02 4.19 17.21
C THR A 149 -17.59 5.36 16.32
N ARG A 150 -16.29 5.54 16.13
CA ARG A 150 -15.67 6.66 15.42
C ARG A 150 -15.57 7.93 16.27
N GLN A 151 -16.02 7.92 17.51
CA GLN A 151 -15.87 9.09 18.38
C GLN A 151 -14.42 9.54 18.44
N GLY A 152 -14.19 10.82 18.09
CA GLY A 152 -12.90 11.43 18.31
C GLY A 152 -11.82 11.10 17.31
N VAL A 153 -12.11 10.24 16.32
CA VAL A 153 -11.07 9.78 15.39
C VAL A 153 -10.51 10.94 14.58
N ASP A 154 -11.39 11.67 13.87
CA ASP A 154 -10.93 12.83 13.12
C ASP A 154 -10.25 13.83 14.04
N ASP A 155 -10.83 14.05 15.23
CA ASP A 155 -10.30 15.03 16.16
C ASP A 155 -8.86 14.69 16.54
N ALA A 156 -8.58 13.42 16.79
CA ALA A 156 -7.23 13.03 17.17
C ALA A 156 -6.23 13.37 16.08
N PHE A 157 -6.51 12.99 14.83
CA PHE A 157 -5.56 13.24 13.75
C PHE A 157 -5.50 14.72 13.41
N TYR A 158 -6.63 15.42 13.42
CA TYR A 158 -6.63 16.84 13.06
C TYR A 158 -5.93 17.66 14.12
N THR A 159 -6.12 17.29 15.39
CA THR A 159 -5.41 17.97 16.46
C THR A 159 -3.92 17.81 16.32
N LEU A 160 -3.46 16.62 15.93
CA LEU A 160 -2.03 16.43 15.73
C LEU A 160 -1.50 17.35 14.64
N VAL A 161 -2.23 17.47 13.53
CA VAL A 161 -1.83 18.42 12.50
C VAL A 161 -1.75 19.84 13.05
N ARG A 162 -2.74 20.24 13.85
CA ARG A 162 -2.70 21.56 14.47
C ARG A 162 -1.44 21.72 15.32
N GLU A 163 -1.06 20.67 16.04
CA GLU A 163 0.17 20.72 16.85
C GLU A 163 1.40 20.89 15.97
N ILE A 164 1.46 20.20 14.82
CA ILE A 164 2.59 20.38 13.91
C ILE A 164 2.63 21.82 13.41
N ARG A 165 1.49 22.34 12.96
CA ARG A 165 1.45 23.70 12.45
C ARG A 165 1.90 24.70 13.51
N LYS A 166 1.47 24.50 14.76
CA LYS A 166 1.90 25.40 15.83
C LYS A 166 3.40 25.31 16.04
N HIS A 167 3.94 24.11 15.96
CA HIS A 167 5.38 23.94 16.15
C HIS A 167 6.16 24.64 15.06
N LYS A 168 5.65 24.59 13.83
CA LYS A 168 6.34 25.24 12.72
C LYS A 168 6.33 26.76 12.86
N GLU A 169 5.35 27.33 13.58
CA GLU A 169 5.32 28.77 13.77
C GLU A 169 6.48 29.25 14.63
N LYS A 170 6.98 28.41 15.54
CA LYS A 170 8.02 28.84 16.47
C LYS A 170 9.30 29.31 15.77
N SER B 1 24.70 2.87 9.72
CA SER B 1 23.93 4.11 9.65
C SER B 1 22.53 3.82 9.15
N MET B 2 21.60 4.75 9.40
CA MET B 2 20.24 4.60 8.92
C MET B 2 19.73 5.95 8.46
N THR B 3 19.34 6.02 7.20
CA THR B 3 18.79 7.22 6.61
C THR B 3 17.56 6.83 5.80
N GLU B 4 16.84 7.84 5.33
CA GLU B 4 15.61 7.64 4.59
CA GLU B 4 15.60 7.64 4.59
C GLU B 4 15.52 8.72 3.52
N TYR B 5 15.06 8.35 2.33
CA TYR B 5 14.96 9.28 1.20
C TYR B 5 13.61 9.21 0.53
N LYS B 6 13.03 10.37 0.25
CA LYS B 6 11.77 10.48 -0.50
CA LYS B 6 11.77 10.48 -0.50
C LYS B 6 12.10 10.73 -1.97
N LEU B 7 11.93 9.71 -2.79
CA LEU B 7 12.19 9.77 -4.23
C LEU B 7 10.85 9.85 -4.95
N VAL B 8 10.80 10.67 -6.00
CA VAL B 8 9.60 10.86 -6.80
C VAL B 8 9.96 10.57 -8.25
N VAL B 9 9.20 9.67 -8.88
CA VAL B 9 9.41 9.30 -10.28
C VAL B 9 8.40 10.04 -11.14
N VAL B 10 8.89 10.86 -12.08
CA VAL B 10 8.05 11.69 -12.94
C VAL B 10 8.44 11.48 -14.41
N GLY B 11 7.55 11.87 -15.31
CA GLY B 11 7.77 11.75 -16.74
C GLY B 11 6.46 11.43 -17.45
N ALA B 12 6.49 11.51 -18.77
CA ALA B 12 5.28 11.38 -19.57
C ALA B 12 4.67 9.98 -19.47
N ASN B 13 3.40 9.89 -19.87
CA ASN B 13 2.73 8.59 -19.85
C ASN B 13 3.48 7.58 -20.70
N GLY B 14 3.59 6.38 -20.16
CA GLY B 14 4.08 5.23 -20.92
C GLY B 14 5.59 5.10 -20.99
N VAL B 15 6.35 5.98 -20.34
CA VAL B 15 7.80 5.93 -20.48
C VAL B 15 8.44 4.81 -19.68
N GLY B 16 7.71 4.26 -18.71
CA GLY B 16 8.21 3.19 -17.89
C GLY B 16 8.47 3.53 -16.43
N LYS B 17 7.85 4.58 -15.90
CA LYS B 17 8.02 4.94 -14.49
C LYS B 17 7.65 3.78 -13.58
N SER B 18 6.49 3.18 -13.81
CA SER B 18 6.04 2.09 -12.95
C SER B 18 6.88 0.84 -13.17
N ALA B 19 7.21 0.53 -14.43
CA ALA B 19 8.02 -0.65 -14.68
C ALA B 19 9.39 -0.54 -14.00
N LEU B 20 9.98 0.65 -14.03
CA LEU B 20 11.27 0.85 -13.35
C LEU B 20 11.12 0.67 -11.85
N THR B 21 10.07 1.26 -11.28
CA THR B 21 9.84 1.16 -9.85
C THR B 21 9.61 -0.29 -9.42
N ILE B 22 8.77 -1.01 -10.17
CA ILE B 22 8.47 -2.40 -9.83
CA ILE B 22 8.47 -2.40 -9.83
C ILE B 22 9.71 -3.28 -10.00
N GLN B 23 10.54 -2.99 -10.99
CA GLN B 23 11.79 -3.75 -11.10
C GLN B 23 12.68 -3.52 -9.89
N LEU B 24 12.83 -2.25 -9.48
CA LEU B 24 13.63 -1.96 -8.30
C LEU B 24 13.11 -2.67 -7.06
N ILE B 25 11.78 -2.60 -6.84
CA ILE B 25 11.19 -3.06 -5.58
C ILE B 25 10.97 -4.57 -5.59
N GLN B 26 10.42 -5.09 -6.69
CA GLN B 26 9.92 -6.46 -6.76
C GLN B 26 10.70 -7.37 -7.69
N ASN B 27 11.64 -6.82 -8.47
CA ASN B 27 12.55 -7.61 -9.29
C ASN B 27 11.82 -8.39 -10.38
N HIS B 28 10.79 -7.80 -10.98
CA HIS B 28 10.17 -8.41 -12.13
C HIS B 28 9.67 -7.33 -13.08
N PHE B 29 9.53 -7.71 -14.35
N PHE B 29 9.30 -7.77 -14.28
CA PHE B 29 9.15 -6.78 -15.41
CA PHE B 29 8.79 -6.90 -15.34
C PHE B 29 7.69 -7.00 -15.77
C PHE B 29 7.72 -7.64 -16.12
N VAL B 30 6.98 -5.90 -16.02
N VAL B 30 6.63 -6.94 -16.42
CA VAL B 30 5.56 -5.93 -16.34
CA VAL B 30 5.52 -7.49 -17.16
C VAL B 30 5.42 -5.51 -17.80
C VAL B 30 5.23 -6.52 -18.31
N ASP B 31 5.02 -6.46 -18.66
N ASP B 31 4.89 -7.08 -19.47
CA ASP B 31 4.77 -6.13 -20.06
CA ASP B 31 4.58 -6.25 -20.63
C ASP B 31 3.45 -5.38 -20.22
C ASP B 31 3.29 -5.47 -20.47
N GLU B 32 2.40 -5.86 -19.55
CA GLU B 32 1.12 -5.18 -19.47
C GLU B 32 1.28 -3.76 -18.94
N TYR B 33 0.49 -2.85 -19.50
CA TYR B 33 0.43 -1.48 -19.04
C TYR B 33 -0.73 -1.34 -18.06
N ASP B 34 -0.42 -0.99 -16.82
CA ASP B 34 -1.43 -0.68 -15.81
C ASP B 34 -1.28 0.81 -15.52
N PRO B 35 -2.11 1.67 -16.13
CA PRO B 35 -1.92 3.12 -15.94
C PRO B 35 -1.97 3.53 -14.48
N THR B 36 -1.06 4.42 -14.11
CA THR B 36 -0.97 4.87 -12.72
C THR B 36 -1.91 6.03 -12.43
N ILE B 37 -2.45 6.02 -11.21
CA ILE B 37 -3.05 7.20 -10.59
C ILE B 37 -2.03 7.73 -9.60
N GLU B 38 -1.67 6.92 -8.61
CA GLU B 38 -0.59 7.19 -7.67
C GLU B 38 -0.27 5.94 -6.87
N ASP B 39 1.02 5.61 -6.74
CA ASP B 39 1.42 4.47 -5.92
C ASP B 39 2.66 4.84 -5.12
N SER B 40 2.76 4.27 -3.92
CA SER B 40 3.87 4.52 -3.01
C SER B 40 4.46 3.19 -2.59
N TYR B 41 5.79 3.15 -2.50
CA TYR B 41 6.51 1.95 -2.11
C TYR B 41 7.57 2.31 -1.07
N ARG B 42 7.92 1.34 -0.22
CA ARG B 42 9.00 1.50 0.76
C ARG B 42 9.88 0.27 0.67
N LYS B 43 11.21 0.48 0.62
CA LYS B 43 12.14 -0.64 0.57
C LYS B 43 13.44 -0.27 1.26
N GLN B 44 13.94 -1.19 2.07
CA GLN B 44 15.26 -1.04 2.69
CA GLN B 44 15.25 -1.04 2.70
C GLN B 44 16.31 -1.59 1.75
N VAL B 45 17.31 -0.76 1.44
CA VAL B 45 18.40 -1.13 0.57
C VAL B 45 19.70 -0.68 1.24
N VAL B 46 20.81 -1.24 0.78
CA VAL B 46 22.13 -0.79 1.20
C VAL B 46 22.78 -0.16 -0.02
N ILE B 47 23.20 1.11 0.10
CA ILE B 47 23.84 1.85 -0.97
C ILE B 47 25.18 2.33 -0.45
N ASP B 48 26.26 1.88 -1.08
CA ASP B 48 27.61 2.25 -0.67
C ASP B 48 27.84 1.95 0.80
N GLY B 49 27.28 0.84 1.27
CA GLY B 49 27.47 0.42 2.64
C GLY B 49 26.67 1.19 3.67
N GLU B 50 25.71 1.99 3.24
CA GLU B 50 24.94 2.85 4.13
C GLU B 50 23.48 2.43 3.97
N THR B 51 22.92 1.79 4.99
CA THR B 51 21.56 1.29 4.90
C THR B 51 20.58 2.45 4.81
N CYS B 52 19.64 2.37 3.89
CA CYS B 52 18.65 3.42 3.90
C CYS B 52 17.31 2.86 3.46
N LEU B 53 16.29 3.58 3.86
CA LEU B 53 14.92 3.30 3.48
C LEU B 53 14.57 4.21 2.31
N LEU B 54 14.16 3.63 1.19
CA LEU B 54 13.67 4.41 0.06
C LEU B 54 12.16 4.47 0.13
N ASP B 55 11.62 5.69 0.13
CA ASP B 55 10.20 5.90 -0.04
CA ASP B 55 10.19 5.91 -0.04
C ASP B 55 10.03 6.40 -1.46
N ILE B 56 9.36 5.62 -2.30
CA ILE B 56 9.26 5.94 -3.72
C ILE B 56 7.81 6.27 -4.05
N LEU B 57 7.61 7.46 -4.61
CA LEU B 57 6.32 7.89 -5.11
C LEU B 57 6.32 7.72 -6.62
N ASP B 58 5.50 6.81 -7.12
CA ASP B 58 5.33 6.55 -8.54
C ASP B 58 4.12 7.35 -9.01
N THR B 59 4.39 8.41 -9.77
CA THR B 59 3.34 9.35 -10.18
C THR B 59 2.82 9.01 -11.57
N ALA B 60 1.65 9.57 -11.88
CA ALA B 60 1.07 9.43 -13.21
C ALA B 60 1.71 10.44 -14.16
N GLY B 61 1.79 10.06 -15.44
CA GLY B 61 2.24 11.01 -16.45
C GLY B 61 1.23 12.08 -16.84
N GLN B 62 0.05 12.08 -16.22
N GLN B 62 0.02 12.07 -16.25
CA GLN B 62 -0.98 13.10 -16.43
CA GLN B 62 -1.05 13.02 -16.57
C GLN B 62 -0.37 14.48 -16.56
C GLN B 62 -0.56 14.47 -16.42
N GLU B 63 -0.98 15.32 -17.37
CA GLU B 63 -0.54 16.71 -17.49
C GLU B 63 -1.49 17.73 -16.86
N GLU B 64 -2.58 17.30 -16.27
N GLU B 64 -2.62 17.29 -16.30
CA GLU B 64 -3.42 18.26 -15.55
CA GLU B 64 -3.75 18.19 -16.04
C GLU B 64 -2.91 18.41 -14.11
C GLU B 64 -3.80 18.76 -14.63
N TYR B 65 -3.78 18.86 -13.21
N TYR B 65 -3.07 18.20 -13.67
CA TYR B 65 -3.59 18.68 -11.77
CA TYR B 65 -3.29 18.48 -12.24
C TYR B 65 -2.28 19.26 -11.27
C TYR B 65 -2.06 19.10 -11.65
N SER B 66 -1.91 20.42 -11.81
CA SER B 66 -0.66 21.07 -11.42
C SER B 66 -0.57 21.25 -9.91
N ALA B 67 -1.70 21.52 -9.25
CA ALA B 67 -1.69 21.74 -7.80
C ALA B 67 -1.29 20.48 -7.03
N MET B 68 -1.86 19.33 -7.40
N MET B 68 -1.86 19.32 -7.37
CA MET B 68 -1.48 18.06 -6.79
CA MET B 68 -1.42 18.08 -6.70
C MET B 68 -0.03 17.71 -7.10
C MET B 68 0.01 17.74 -7.07
N ARG B 69 0.39 17.96 -8.33
CA ARG B 69 1.76 17.65 -8.73
C ARG B 69 2.74 18.55 -8.00
N ASP B 70 2.38 19.82 -7.77
CA ASP B 70 3.26 20.69 -7.01
C ASP B 70 3.49 20.16 -5.61
N GLN B 71 2.45 19.60 -4.98
CA GLN B 71 2.67 19.06 -3.64
C GLN B 71 3.67 17.91 -3.64
N TYR B 72 3.57 17.01 -4.65
N TYR B 72 3.62 17.03 -4.65
CA TYR B 72 4.57 15.97 -4.83
CA TYR B 72 4.63 15.98 -4.56
C TYR B 72 5.97 16.56 -4.81
C TYR B 72 6.03 16.46 -4.93
N MET B 73 6.15 17.61 -5.61
CA MET B 73 7.47 18.24 -5.73
C MET B 73 7.91 18.95 -4.47
N ARG B 74 6.99 19.51 -3.70
CA ARG B 74 7.39 20.17 -2.45
C ARG B 74 7.98 19.16 -1.48
N THR B 75 7.36 17.99 -1.36
CA THR B 75 7.73 16.96 -0.38
CA THR B 75 7.84 17.07 -0.35
C THR B 75 8.91 16.13 -0.85
N GLY B 76 9.01 15.88 -2.15
CA GLY B 76 10.05 15.00 -2.65
C GLY B 76 11.44 15.58 -2.44
N GLU B 77 12.40 14.69 -2.13
CA GLU B 77 13.79 15.11 -1.97
C GLU B 77 14.60 14.97 -3.23
N GLY B 78 14.24 14.03 -4.10
CA GLY B 78 14.92 13.89 -5.37
C GLY B 78 13.96 13.35 -6.39
N PHE B 79 14.26 13.63 -7.66
CA PHE B 79 13.36 13.32 -8.77
C PHE B 79 14.05 12.50 -9.82
N LEU B 80 13.45 11.37 -10.15
CA LEU B 80 13.86 10.59 -11.31
C LEU B 80 13.01 11.05 -12.46
N CYS B 81 13.62 11.73 -13.44
CA CYS B 81 12.92 12.35 -14.56
CA CYS B 81 12.90 12.33 -14.55
C CYS B 81 13.09 11.42 -15.75
N VAL B 82 12.04 10.70 -16.11
CA VAL B 82 12.12 9.59 -17.05
C VAL B 82 11.56 9.99 -18.40
N PHE B 83 12.27 9.69 -19.47
CA PHE B 83 11.72 9.66 -20.81
C PHE B 83 12.01 8.29 -21.41
N ALA B 84 11.39 7.98 -22.54
CA ALA B 84 11.68 6.74 -23.26
C ALA B 84 12.50 7.05 -24.50
N ILE B 85 13.55 6.25 -24.75
CA ILE B 85 14.46 6.54 -25.86
CA ILE B 85 14.47 6.52 -25.85
C ILE B 85 13.82 6.38 -27.21
N ASN B 86 12.63 5.78 -27.28
CA ASN B 86 11.89 5.64 -28.52
C ASN B 86 10.65 6.51 -28.53
N ASN B 87 10.64 7.60 -27.74
CA ASN B 87 9.48 8.51 -27.71
C ASN B 87 10.04 9.93 -27.63
N THR B 88 10.15 10.58 -28.79
CA THR B 88 10.76 11.90 -28.82
C THR B 88 9.96 12.92 -28.02
N LYS B 89 8.63 12.86 -28.10
CA LYS B 89 7.82 13.80 -27.33
C LYS B 89 8.13 13.68 -25.83
N SER B 90 8.32 12.45 -25.34
CA SER B 90 8.62 12.30 -23.92
C SER B 90 9.92 12.98 -23.54
N PHE B 91 10.90 12.99 -24.46
CA PHE B 91 12.16 13.67 -24.22
C PHE B 91 11.96 15.19 -24.26
N GLU B 92 11.15 15.66 -25.22
CA GLU B 92 10.79 17.07 -25.31
C GLU B 92 10.07 17.54 -24.05
N ASP B 93 9.34 16.65 -23.36
CA ASP B 93 8.62 17.05 -22.16
C ASP B 93 9.57 17.28 -20.98
N ILE B 94 10.80 16.78 -21.05
CA ILE B 94 11.67 16.79 -19.89
C ILE B 94 11.87 18.21 -19.36
N HIS B 95 12.11 19.17 -20.25
N HIS B 95 12.06 19.18 -20.27
CA HIS B 95 12.36 20.53 -19.76
CA HIS B 95 12.34 20.54 -19.81
C HIS B 95 11.19 21.06 -18.94
C HIS B 95 11.19 21.12 -19.00
N HIS B 96 9.96 20.71 -19.30
CA HIS B 96 8.81 21.15 -18.50
CA HIS B 96 8.83 21.18 -18.49
C HIS B 96 8.91 20.63 -17.06
N TYR B 97 9.31 19.37 -16.90
CA TYR B 97 9.48 18.81 -15.56
C TYR B 97 10.57 19.56 -14.79
N ARG B 98 11.72 19.79 -15.43
CA ARG B 98 12.78 20.53 -14.76
C ARG B 98 12.32 21.92 -14.33
N GLU B 99 11.61 22.64 -15.21
N GLU B 99 11.61 22.61 -15.24
CA GLU B 99 11.19 23.99 -14.82
CA GLU B 99 11.13 23.96 -14.94
C GLU B 99 10.17 23.95 -13.69
C GLU B 99 10.16 23.96 -13.77
N GLN B 100 9.26 22.96 -13.73
CA GLN B 100 8.29 22.86 -12.64
C GLN B 100 8.96 22.56 -11.30
N ILE B 101 9.93 21.64 -11.30
CA ILE B 101 10.65 21.32 -10.07
C ILE B 101 11.38 22.55 -9.54
N LYS B 102 12.07 23.29 -10.42
CA LYS B 102 12.78 24.49 -9.99
C LYS B 102 11.82 25.52 -9.44
N ARG B 103 10.65 25.66 -10.08
CA ARG B 103 9.65 26.61 -9.62
CA ARG B 103 9.66 26.61 -9.61
C ARG B 103 9.16 26.25 -8.23
N VAL B 104 8.78 24.98 -8.04
CA VAL B 104 8.22 24.55 -6.76
C VAL B 104 9.27 24.60 -5.65
N LYS B 105 10.50 24.15 -5.94
CA LYS B 105 11.57 24.19 -4.95
C LYS B 105 12.16 25.58 -4.80
N ASP B 106 11.82 26.50 -5.69
CA ASP B 106 12.41 27.85 -5.72
C ASP B 106 13.94 27.77 -5.70
N SER B 107 14.49 26.94 -6.58
CA SER B 107 15.92 26.70 -6.61
C SER B 107 16.34 26.14 -7.95
N GLU B 108 17.56 26.46 -8.37
CA GLU B 108 18.14 25.82 -9.55
C GLU B 108 19.00 24.61 -9.20
N ASP B 109 19.07 24.25 -7.94
CA ASP B 109 19.87 23.14 -7.44
C ASP B 109 18.96 22.17 -6.70
N VAL B 110 18.41 21.19 -7.42
CA VAL B 110 17.49 20.20 -6.86
C VAL B 110 17.98 18.82 -7.27
N PRO B 111 18.08 17.87 -6.35
CA PRO B 111 18.53 16.52 -6.73
C PRO B 111 17.61 15.90 -7.78
N MET B 112 18.20 15.60 -8.94
N MET B 112 18.21 15.50 -8.91
CA MET B 112 17.48 15.01 -10.07
CA MET B 112 17.48 15.03 -10.08
C MET B 112 18.43 14.12 -10.85
C MET B 112 18.41 14.18 -10.92
N VAL B 113 17.86 13.13 -11.52
CA VAL B 113 18.59 12.28 -12.47
C VAL B 113 17.71 12.14 -13.71
N LEU B 114 18.33 12.33 -14.88
CA LEU B 114 17.65 12.13 -16.16
C LEU B 114 17.82 10.68 -16.56
N VAL B 115 16.71 10.02 -16.87
CA VAL B 115 16.69 8.58 -17.18
C VAL B 115 16.10 8.39 -18.56
N GLY B 116 16.88 7.77 -19.45
CA GLY B 116 16.40 7.38 -20.76
C GLY B 116 16.07 5.91 -20.72
N ASN B 117 14.78 5.59 -20.57
CA ASN B 117 14.34 4.22 -20.38
C ASN B 117 14.00 3.55 -21.71
N LYS B 118 13.79 2.24 -21.65
CA LYS B 118 13.50 1.38 -22.80
C LYS B 118 14.72 1.21 -23.71
N CYS B 119 15.92 1.26 -23.12
CA CYS B 119 17.14 1.22 -23.92
C CYS B 119 17.37 -0.13 -24.57
N ASP B 120 16.55 -1.13 -24.26
CA ASP B 120 16.59 -2.41 -24.92
C ASP B 120 15.96 -2.40 -26.30
N LEU B 121 15.17 -1.37 -26.63
CA LEU B 121 14.36 -1.44 -27.85
C LEU B 121 15.11 -0.88 -29.06
N PRO B 122 14.94 -1.52 -30.22
CA PRO B 122 15.64 -1.10 -31.44
C PRO B 122 14.88 -0.05 -32.23
N SER B 123 14.00 0.70 -31.56
CA SER B 123 13.20 1.74 -32.18
C SER B 123 13.60 3.13 -31.67
N ARG B 124 14.87 3.28 -31.27
CA ARG B 124 15.35 4.53 -30.71
C ARG B 124 15.05 5.71 -31.64
N THR B 125 14.58 6.80 -31.03
CA THR B 125 14.42 8.08 -31.70
C THR B 125 15.20 9.20 -31.01
N VAL B 126 15.68 8.98 -29.79
CA VAL B 126 16.45 9.98 -29.04
C VAL B 126 17.87 9.47 -28.88
N ASP B 127 18.83 10.18 -29.44
CA ASP B 127 20.24 9.79 -29.35
C ASP B 127 20.77 9.97 -27.95
N THR B 128 21.60 9.02 -27.52
CA THR B 128 22.26 9.12 -26.23
C THR B 128 22.95 10.47 -26.05
N LYS B 129 23.65 10.93 -27.08
CA LYS B 129 24.40 12.19 -26.97
C LYS B 129 23.47 13.37 -26.69
N GLN B 130 22.30 13.39 -27.31
CA GLN B 130 21.37 14.49 -27.10
C GLN B 130 20.94 14.54 -25.63
N ALA B 131 20.68 13.37 -25.04
CA ALA B 131 20.30 13.32 -23.65
C ALA B 131 21.46 13.63 -22.71
N GLN B 132 22.66 13.11 -23.02
CA GLN B 132 23.85 13.47 -22.24
C GLN B 132 24.06 14.97 -22.24
N ASP B 133 23.90 15.60 -23.40
CA ASP B 133 24.12 17.04 -23.49
C ASP B 133 23.10 17.82 -22.67
N LEU B 134 21.83 17.37 -22.69
CA LEU B 134 20.81 18.06 -21.93
C LEU B 134 21.09 17.95 -20.43
N ALA B 135 21.43 16.74 -19.97
CA ALA B 135 21.73 16.57 -18.55
C ALA B 135 22.92 17.40 -18.14
N ARG B 136 23.96 17.43 -18.98
CA ARG B 136 25.13 18.24 -18.65
C ARG B 136 24.74 19.71 -18.55
N SER B 137 23.80 20.17 -19.39
CA SER B 137 23.37 21.56 -19.36
C SER B 137 22.61 21.88 -18.06
N TYR B 138 21.97 20.88 -17.47
CA TYR B 138 21.28 21.05 -16.19
C TYR B 138 22.17 20.77 -14.99
N GLY B 139 23.38 20.23 -15.22
CA GLY B 139 24.24 19.84 -14.13
C GLY B 139 23.79 18.60 -13.37
N ILE B 140 23.11 17.67 -14.04
CA ILE B 140 22.55 16.49 -13.38
C ILE B 140 23.04 15.24 -14.08
N PRO B 141 23.02 14.10 -13.39
CA PRO B 141 23.42 12.85 -14.03
C PRO B 141 22.41 12.38 -15.06
N PHE B 142 22.91 11.58 -16.00
CA PHE B 142 22.09 10.90 -17.00
C PHE B 142 22.44 9.43 -17.02
N ILE B 143 21.43 8.57 -17.12
CA ILE B 143 21.63 7.14 -17.28
C ILE B 143 20.55 6.58 -18.21
N GLU B 144 20.95 5.59 -19.02
CA GLU B 144 19.99 4.81 -19.80
C GLU B 144 19.64 3.54 -19.04
N THR B 145 18.36 3.18 -19.10
CA THR B 145 17.84 2.04 -18.35
C THR B 145 16.95 1.18 -19.22
N SER B 146 16.78 -0.06 -18.78
CA SER B 146 15.71 -0.90 -19.28
C SER B 146 15.06 -1.61 -18.12
N ALA B 147 13.78 -1.32 -17.88
CA ALA B 147 13.02 -2.10 -16.91
C ALA B 147 12.87 -3.54 -17.35
N LYS B 148 13.01 -3.82 -18.65
CA LYS B 148 12.88 -5.19 -19.13
C LYS B 148 14.12 -6.03 -18.86
N THR B 149 15.30 -5.52 -19.23
CA THR B 149 16.53 -6.29 -19.02
C THR B 149 17.16 -6.03 -17.66
N ARG B 150 16.67 -5.02 -16.94
CA ARG B 150 17.17 -4.52 -15.66
C ARG B 150 18.42 -3.67 -15.81
N GLN B 151 18.92 -3.44 -17.04
CA GLN B 151 20.08 -2.57 -17.23
C GLN B 151 19.85 -1.22 -16.56
N GLY B 152 20.77 -0.83 -15.68
CA GLY B 152 20.77 0.49 -15.09
C GLY B 152 19.72 0.78 -14.04
N VAL B 153 18.83 -0.16 -13.71
CA VAL B 153 17.70 0.19 -12.86
C VAL B 153 18.16 0.55 -11.45
N ASP B 154 18.91 -0.34 -10.79
CA ASP B 154 19.41 -0.03 -9.46
C ASP B 154 20.26 1.24 -9.51
N ASP B 155 21.13 1.33 -10.50
CA ASP B 155 22.05 2.45 -10.57
C ASP B 155 21.31 3.76 -10.72
N ALA B 156 20.17 3.78 -11.43
CA ALA B 156 19.44 5.04 -11.60
C ALA B 156 18.94 5.56 -10.27
N PHE B 157 18.31 4.68 -9.49
CA PHE B 157 17.79 5.07 -8.18
C PHE B 157 18.94 5.38 -7.22
N TYR B 158 20.01 4.57 -7.25
CA TYR B 158 21.13 4.81 -6.34
C TYR B 158 21.85 6.12 -6.66
N THR B 159 21.98 6.43 -7.96
CA THR B 159 22.57 7.71 -8.35
C THR B 159 21.75 8.86 -7.79
N LEU B 160 20.42 8.73 -7.81
CA LEU B 160 19.59 9.80 -7.25
C LEU B 160 19.82 9.94 -5.76
N VAL B 161 19.92 8.82 -5.03
CA VAL B 161 20.24 8.91 -3.61
C VAL B 161 21.57 9.63 -3.40
N ARG B 162 22.58 9.31 -4.22
CA ARG B 162 23.86 9.98 -4.07
C ARG B 162 23.74 11.48 -4.34
N GLU B 163 22.87 11.88 -5.28
CA GLU B 163 22.63 13.29 -5.52
C GLU B 163 21.99 13.97 -4.31
N ILE B 164 21.05 13.28 -3.65
CA ILE B 164 20.44 13.86 -2.45
C ILE B 164 21.48 14.00 -1.35
N ARG B 165 22.29 12.96 -1.15
CA ARG B 165 23.32 13.02 -0.12
C ARG B 165 24.28 14.17 -0.36
N LYS B 166 24.67 14.38 -1.62
CA LYS B 166 25.58 15.48 -1.97
C LYS B 166 24.93 16.84 -1.77
N HIS B 167 23.62 16.95 -2.02
CA HIS B 167 22.90 18.20 -1.76
C HIS B 167 22.79 18.48 -0.27
N LYS B 168 22.61 17.45 0.54
CA LYS B 168 22.45 17.57 1.98
C LYS B 168 23.73 17.99 2.71
N GLU B 169 24.82 18.22 1.98
CA GLU B 169 26.07 18.69 2.59
C GLU B 169 26.93 19.42 1.57
N VAL C 3 -38.14 10.60 -27.54
CA VAL C 3 -37.75 10.47 -26.14
C VAL C 3 -36.36 9.85 -26.01
N ASN C 4 -35.52 10.45 -25.18
CA ASN C 4 -34.18 9.93 -24.97
C ASN C 4 -34.23 8.48 -24.50
N PRO C 5 -33.36 7.61 -25.03
CA PRO C 5 -33.37 6.23 -24.56
C PRO C 5 -32.86 6.12 -23.14
N THR C 6 -33.29 5.04 -22.49
CA THR C 6 -32.84 4.65 -21.16
CA THR C 6 -32.73 4.69 -21.20
C THR C 6 -32.17 3.28 -21.26
N VAL C 7 -31.04 3.11 -20.57
CA VAL C 7 -30.37 1.81 -20.49
C VAL C 7 -30.14 1.48 -19.03
N PHE C 8 -29.91 0.19 -18.76
CA PHE C 8 -29.64 -0.28 -17.41
C PHE C 8 -28.35 -1.08 -17.36
N PHE C 9 -27.70 -1.03 -16.19
CA PHE C 9 -26.61 -1.92 -15.81
C PHE C 9 -27.04 -2.62 -14.53
N ASP C 10 -26.96 -3.95 -14.51
CA ASP C 10 -27.03 -4.71 -13.27
C ASP C 10 -25.61 -4.93 -12.77
N ILE C 11 -25.29 -4.29 -11.66
CA ILE C 11 -23.93 -4.27 -11.11
C ILE C 11 -23.77 -5.45 -10.17
N ALA C 12 -22.60 -6.09 -10.24
CA ALA C 12 -22.28 -7.21 -9.36
C ALA C 12 -20.97 -6.96 -8.63
N VAL C 13 -20.83 -7.62 -7.48
CA VAL C 13 -19.65 -7.56 -6.62
C VAL C 13 -19.15 -9.00 -6.49
N ASP C 14 -17.96 -9.28 -7.02
CA ASP C 14 -17.51 -10.66 -7.15
C ASP C 14 -18.60 -11.61 -7.61
N GLY C 15 -19.40 -11.18 -8.58
CA GLY C 15 -20.45 -11.98 -9.16
C GLY C 15 -21.80 -11.92 -8.46
N GLU C 16 -21.87 -11.39 -7.24
CA GLU C 16 -23.16 -11.36 -6.56
C GLU C 16 -23.87 -10.04 -6.87
N PRO C 17 -25.18 -10.04 -7.10
CA PRO C 17 -25.88 -8.80 -7.43
C PRO C 17 -25.73 -7.74 -6.35
N LEU C 18 -25.41 -6.52 -6.78
CA LEU C 18 -25.40 -5.34 -5.93
C LEU C 18 -26.67 -4.54 -6.11
N GLY C 19 -26.98 -4.16 -7.35
CA GLY C 19 -28.20 -3.45 -7.66
C GLY C 19 -28.16 -2.97 -9.09
N ARG C 20 -29.23 -2.29 -9.48
CA ARG C 20 -29.38 -1.76 -10.84
C ARG C 20 -29.15 -0.25 -10.87
N VAL C 21 -28.44 0.20 -11.89
CA VAL C 21 -28.33 1.62 -12.21
C VAL C 21 -28.93 1.81 -13.59
N SER C 22 -29.82 2.78 -13.74
CA SER C 22 -30.32 3.12 -15.06
C SER C 22 -29.84 4.51 -15.44
N PHE C 23 -29.78 4.76 -16.75
CA PHE C 23 -29.26 6.01 -17.28
C PHE C 23 -30.18 6.55 -18.36
N GLU C 24 -30.40 7.86 -18.34
CA GLU C 24 -30.95 8.57 -19.49
C GLU C 24 -29.79 8.97 -20.38
N LEU C 25 -29.89 8.66 -21.67
CA LEU C 25 -28.88 9.02 -22.65
C LEU C 25 -29.40 10.19 -23.49
N PHE C 26 -28.60 11.26 -23.56
CA PHE C 26 -29.04 12.53 -24.14
C PHE C 26 -28.89 12.48 -25.66
N ALA C 27 -29.67 11.59 -26.28
CA ALA C 27 -29.68 11.50 -27.73
C ALA C 27 -30.11 12.81 -28.37
N ASP C 28 -30.93 13.59 -27.66
CA ASP C 28 -31.42 14.87 -28.18
C ASP C 28 -30.30 15.89 -28.36
N LYS C 29 -29.23 15.80 -27.58
CA LYS C 29 -28.15 16.78 -27.63
C LYS C 29 -26.82 16.22 -28.08
N VAL C 30 -26.59 14.92 -27.87
CA VAL C 30 -25.30 14.28 -28.13
C VAL C 30 -25.59 12.96 -28.85
N PRO C 31 -26.19 12.99 -30.05
CA PRO C 31 -26.74 11.75 -30.62
C PRO C 31 -25.71 10.67 -30.92
N LYS C 32 -24.56 11.01 -31.51
CA LYS C 32 -23.60 9.96 -31.89
C LYS C 32 -23.02 9.28 -30.66
N THR C 33 -22.75 10.07 -29.63
CA THR C 33 -22.15 9.53 -28.40
C THR C 33 -23.18 8.71 -27.63
N ALA C 34 -24.42 9.22 -27.55
CA ALA C 34 -25.47 8.46 -26.89
C ALA C 34 -25.72 7.14 -27.61
N GLU C 35 -25.72 7.15 -28.94
CA GLU C 35 -26.00 5.93 -29.70
C GLU C 35 -24.92 4.88 -29.49
N ASN C 36 -23.65 5.30 -29.41
CA ASN C 36 -22.57 4.37 -29.10
C ASN C 36 -22.84 3.67 -27.77
N PHE C 37 -23.12 4.43 -26.71
CA PHE C 37 -23.34 3.84 -25.40
C PHE C 37 -24.57 2.93 -25.41
N ARG C 38 -25.64 3.36 -26.09
CA ARG C 38 -26.85 2.55 -26.17
C ARG C 38 -26.54 1.20 -26.79
N ALA C 39 -25.89 1.21 -27.95
CA ALA C 39 -25.61 -0.03 -28.67
C ALA C 39 -24.64 -0.91 -27.90
N LEU C 40 -23.64 -0.32 -27.23
CA LEU C 40 -22.74 -1.13 -26.42
C LEU C 40 -23.47 -1.74 -25.22
N SER C 41 -24.53 -1.08 -24.75
CA SER C 41 -25.32 -1.59 -23.64
C SER C 41 -26.22 -2.75 -24.05
N THR C 42 -26.74 -2.73 -25.29
CA THR C 42 -27.56 -3.85 -25.74
C THR C 42 -26.72 -5.00 -26.27
N GLY C 43 -25.48 -4.75 -26.66
CA GLY C 43 -24.67 -5.75 -27.31
C GLY C 43 -25.03 -6.05 -28.74
N GLU C 44 -25.87 -5.22 -29.37
CA GLU C 44 -26.46 -5.58 -30.65
C GLU C 44 -25.44 -5.66 -31.79
N LYS C 45 -24.24 -5.08 -31.63
CA LYS C 45 -23.21 -5.19 -32.66
C LYS C 45 -22.35 -6.44 -32.48
N GLY C 46 -22.61 -7.22 -31.43
CA GLY C 46 -21.83 -8.41 -31.15
C GLY C 46 -20.74 -8.23 -30.13
N PHE C 47 -20.65 -7.06 -29.52
CA PHE C 47 -19.70 -6.75 -28.46
C PHE C 47 -20.32 -5.64 -27.61
N GLY C 48 -19.75 -5.43 -26.43
CA GLY C 48 -20.26 -4.35 -25.60
C GLY C 48 -19.93 -4.56 -24.13
N TYR C 49 -20.68 -3.85 -23.30
CA TYR C 49 -20.33 -3.70 -21.89
C TYR C 49 -20.56 -4.94 -21.05
N LYS C 50 -21.45 -5.85 -21.44
CA LYS C 50 -21.80 -6.94 -20.55
C LYS C 50 -20.57 -7.76 -20.15
N GLY C 51 -20.39 -7.94 -18.83
CA GLY C 51 -19.25 -8.65 -18.27
C GLY C 51 -18.07 -7.78 -17.89
N SER C 52 -18.01 -6.55 -18.38
CA SER C 52 -16.85 -5.70 -18.15
C SER C 52 -16.87 -5.12 -16.74
N CYS C 53 -15.73 -4.62 -16.30
N CYS C 53 -15.73 -4.53 -16.37
CA CYS C 53 -15.64 -4.19 -14.92
CA CYS C 53 -15.41 -4.17 -14.99
C CYS C 53 -15.38 -2.70 -14.79
C CYS C 53 -15.41 -2.64 -14.84
N PHE C 54 -15.80 -2.17 -13.65
CA PHE C 54 -15.49 -0.81 -13.23
C PHE C 54 -14.11 -0.89 -12.60
N HIS C 55 -13.08 -0.64 -13.42
CA HIS C 55 -11.71 -0.90 -13.00
C HIS C 55 -11.13 0.20 -12.13
N ARG C 56 -11.72 1.40 -12.12
CA ARG C 56 -11.14 2.53 -11.41
C ARG C 56 -12.26 3.28 -10.70
N ILE C 57 -12.27 3.23 -9.38
CA ILE C 57 -13.29 3.89 -8.58
C ILE C 57 -12.55 4.72 -7.52
N ILE C 58 -12.71 6.04 -7.58
CA ILE C 58 -12.00 6.93 -6.65
C ILE C 58 -13.03 7.73 -5.88
N PRO C 59 -13.19 7.46 -4.59
CA PRO C 59 -14.21 8.17 -3.79
C PRO C 59 -14.03 9.68 -3.87
N GLY C 60 -15.16 10.37 -4.00
CA GLY C 60 -15.18 11.80 -4.16
C GLY C 60 -15.12 12.26 -5.59
N PHE C 61 -14.89 11.36 -6.54
CA PHE C 61 -14.69 11.74 -7.92
C PHE C 61 -15.55 10.97 -8.91
N MET C 62 -15.27 9.68 -9.13
N MET C 62 -15.31 9.67 -9.11
CA MET C 62 -15.98 8.98 -10.21
CA MET C 62 -16.09 8.99 -10.14
C MET C 62 -15.82 7.47 -10.11
C MET C 62 -15.88 7.48 -10.07
N CYS C 63 -16.71 6.78 -10.83
CA CYS C 63 -16.60 5.35 -11.11
C CYS C 63 -16.39 5.19 -12.61
N GLN C 64 -15.26 4.57 -13.01
CA GLN C 64 -14.89 4.43 -14.40
C GLN C 64 -14.88 2.96 -14.82
N GLY C 65 -15.40 2.67 -16.01
CA GLY C 65 -15.41 1.32 -16.54
C GLY C 65 -15.45 1.31 -18.05
N GLY C 66 -15.78 0.15 -18.60
CA GLY C 66 -16.05 0.02 -20.02
C GLY C 66 -15.00 -0.64 -20.89
N ASP C 67 -13.93 -1.22 -20.33
CA ASP C 67 -12.92 -1.90 -21.16
C ASP C 67 -13.35 -3.36 -21.36
N PHE C 68 -14.02 -3.64 -22.48
CA PHE C 68 -14.45 -4.99 -22.80
C PHE C 68 -13.53 -5.68 -23.81
N THR C 69 -12.44 -5.04 -24.24
CA THR C 69 -11.53 -5.66 -25.20
C THR C 69 -10.25 -6.18 -24.57
N ARG C 70 -9.59 -5.39 -23.73
CA ARG C 70 -8.37 -5.81 -23.06
CA ARG C 70 -8.38 -5.82 -23.07
C ARG C 70 -8.60 -6.24 -21.62
N HIS C 71 -9.72 -5.84 -21.02
CA HIS C 71 -10.06 -6.25 -19.66
C HIS C 71 -9.02 -5.77 -18.65
N ASN C 72 -8.31 -4.68 -18.94
CA ASN C 72 -7.27 -4.24 -18.03
C ASN C 72 -7.20 -2.73 -17.86
N GLY C 73 -8.20 -1.99 -18.34
CA GLY C 73 -8.19 -0.54 -18.22
C GLY C 73 -7.55 0.21 -19.38
N THR C 74 -6.99 -0.48 -20.36
CA THR C 74 -6.36 0.19 -21.49
C THR C 74 -7.18 0.11 -22.76
N GLY C 75 -8.22 -0.73 -22.79
CA GLY C 75 -8.90 -1.03 -24.03
C GLY C 75 -10.26 -0.41 -24.18
N GLY C 76 -11.07 -1.08 -25.01
CA GLY C 76 -12.39 -0.67 -25.44
C GLY C 76 -12.39 -0.17 -26.88
N LYS C 77 -13.59 -0.13 -27.44
CA LYS C 77 -13.78 0.31 -28.82
C LYS C 77 -15.20 0.81 -28.94
N SER C 78 -15.42 1.67 -29.92
CA SER C 78 -16.75 2.20 -30.18
C SER C 78 -17.42 1.39 -31.28
N ILE C 79 -18.69 1.70 -31.54
CA ILE C 79 -19.40 1.11 -32.67
C ILE C 79 -18.98 1.71 -34.00
N TYR C 80 -18.13 2.74 -33.97
CA TYR C 80 -17.70 3.45 -35.17
C TYR C 80 -16.27 3.13 -35.55
N GLY C 81 -15.60 2.28 -34.80
CA GLY C 81 -14.17 2.08 -34.91
C GLY C 81 -13.52 2.20 -33.56
N GLU C 82 -12.19 2.12 -33.56
CA GLU C 82 -11.49 2.12 -32.28
C GLU C 82 -11.74 3.41 -31.52
N LYS C 83 -11.82 4.52 -32.24
CA LYS C 83 -12.05 5.82 -31.61
C LYS C 83 -12.99 6.67 -32.46
N PHE C 84 -13.61 7.64 -31.81
CA PHE C 84 -14.41 8.63 -32.52
C PHE C 84 -14.23 10.01 -31.91
N GLU C 85 -14.56 11.03 -32.71
CA GLU C 85 -14.26 12.40 -32.32
C GLU C 85 -15.18 12.88 -31.20
N ASP C 86 -14.71 13.93 -30.50
CA ASP C 86 -15.54 14.60 -29.51
C ASP C 86 -16.70 15.30 -30.22
N GLU C 87 -17.92 14.90 -29.88
CA GLU C 87 -19.08 15.34 -30.64
C GLU C 87 -19.41 16.81 -30.34
N ASN C 88 -19.51 17.16 -29.06
CA ASN C 88 -19.72 18.54 -28.63
C ASN C 88 -19.42 18.56 -27.14
N PHE C 89 -19.31 19.77 -26.59
CA PHE C 89 -19.13 20.00 -25.16
C PHE C 89 -20.28 20.83 -24.59
N ILE C 90 -21.50 20.57 -25.07
CA ILE C 90 -22.65 21.33 -24.60
C ILE C 90 -22.84 21.15 -23.10
N LEU C 91 -22.81 19.90 -22.64
CA LEU C 91 -23.14 19.56 -21.27
C LEU C 91 -21.89 19.45 -20.40
N LYS C 92 -22.08 19.70 -19.11
CA LYS C 92 -20.98 19.81 -18.16
C LYS C 92 -21.09 18.77 -17.05
N HIS C 93 -19.97 18.59 -16.35
CA HIS C 93 -19.86 17.63 -15.26
C HIS C 93 -20.35 18.28 -13.97
N THR C 94 -21.68 18.43 -13.89
CA THR C 94 -22.30 19.34 -12.94
C THR C 94 -22.43 18.77 -11.53
N GLY C 95 -22.38 17.45 -11.36
CA GLY C 95 -22.62 16.87 -10.07
C GLY C 95 -22.77 15.36 -10.14
N PRO C 96 -23.13 14.74 -9.00
CA PRO C 96 -23.25 13.28 -8.96
C PRO C 96 -24.23 12.77 -10.01
N GLY C 97 -23.85 11.68 -10.66
CA GLY C 97 -24.72 11.00 -11.59
C GLY C 97 -24.45 11.31 -13.04
N ILE C 98 -23.62 12.32 -13.35
CA ILE C 98 -23.35 12.65 -14.74
C ILE C 98 -22.54 11.53 -15.39
N LEU C 99 -22.91 11.18 -16.62
CA LEU C 99 -22.29 10.11 -17.40
C LEU C 99 -21.51 10.73 -18.56
N SER C 100 -20.23 10.38 -18.67
CA SER C 100 -19.30 11.09 -19.55
C SER C 100 -18.28 10.10 -20.12
N MET C 101 -17.69 10.47 -21.26
CA MET C 101 -16.75 9.57 -21.93
C MET C 101 -15.34 9.73 -21.35
N ALA C 102 -14.69 8.61 -21.03
CA ALA C 102 -13.27 8.61 -20.75
C ALA C 102 -12.50 8.79 -22.07
N ASN C 103 -11.24 9.24 -21.98
CA ASN C 103 -10.48 9.42 -23.21
C ASN C 103 -9.00 9.52 -22.88
N ALA C 104 -8.19 9.54 -23.92
CA ALA C 104 -6.75 9.72 -23.84
C ALA C 104 -6.31 10.97 -24.58
N GLY C 105 -7.09 12.04 -24.46
CA GLY C 105 -6.86 13.27 -25.19
C GLY C 105 -7.94 13.51 -26.22
N PRO C 106 -7.79 14.58 -27.00
CA PRO C 106 -8.83 14.96 -27.96
C PRO C 106 -9.17 13.84 -28.94
N ASN C 107 -10.46 13.66 -29.18
CA ASN C 107 -10.96 12.80 -30.25
C ASN C 107 -10.50 11.35 -30.11
N THR C 108 -10.58 10.82 -28.88
CA THR C 108 -10.19 9.43 -28.63
C THR C 108 -11.27 8.66 -27.87
N ASN C 109 -12.53 9.02 -28.08
CA ASN C 109 -13.61 8.27 -27.45
C ASN C 109 -13.69 6.84 -27.98
N GLY C 110 -13.88 5.87 -27.09
CA GLY C 110 -14.03 4.48 -27.49
C GLY C 110 -15.26 3.91 -26.82
N SER C 111 -15.03 3.11 -25.77
CA SER C 111 -16.12 2.63 -24.92
C SER C 111 -16.00 3.02 -23.46
N GLN C 112 -14.81 3.29 -22.96
CA GLN C 112 -14.70 3.62 -21.54
C GLN C 112 -15.45 4.90 -21.22
N PHE C 113 -16.02 4.91 -20.02
CA PHE C 113 -16.91 5.97 -19.59
C PHE C 113 -16.72 6.11 -18.08
N PHE C 114 -17.29 7.18 -17.54
CA PHE C 114 -17.28 7.34 -16.10
C PHE C 114 -18.56 7.99 -15.63
N ILE C 115 -18.92 7.67 -14.38
CA ILE C 115 -20.06 8.25 -13.68
C ILE C 115 -19.50 9.15 -12.59
N CYS C 116 -19.79 10.44 -12.67
CA CYS C 116 -19.34 11.35 -11.63
C CYS C 116 -20.04 11.04 -10.31
N THR C 117 -19.31 11.14 -9.21
CA THR C 117 -19.91 11.09 -7.89
C THR C 117 -19.87 12.45 -7.20
N ALA C 118 -19.39 13.48 -7.91
CA ALA C 118 -19.30 14.86 -7.46
C ALA C 118 -19.14 15.71 -8.70
N LYS C 119 -19.28 17.02 -8.53
CA LYS C 119 -18.97 17.96 -9.61
C LYS C 119 -17.48 17.86 -9.95
N THR C 120 -17.16 17.75 -11.24
CA THR C 120 -15.77 17.62 -11.70
C THR C 120 -15.55 18.62 -12.84
N GLU C 121 -15.60 19.91 -12.51
CA GLU C 121 -15.68 20.95 -13.52
C GLU C 121 -14.42 21.06 -14.36
N TRP C 122 -13.27 20.58 -13.86
CA TRP C 122 -12.03 20.65 -14.64
C TRP C 122 -12.08 19.74 -15.86
N LEU C 123 -13.03 18.81 -15.92
CA LEU C 123 -13.19 17.94 -17.08
C LEU C 123 -14.08 18.56 -18.15
N ASP C 124 -14.75 19.68 -17.84
CA ASP C 124 -15.62 20.33 -18.80
C ASP C 124 -14.81 20.79 -20.00
N GLY C 125 -15.34 20.53 -21.20
CA GLY C 125 -14.65 20.89 -22.42
C GLY C 125 -13.58 19.92 -22.85
N LYS C 126 -13.33 18.86 -22.06
CA LYS C 126 -12.35 17.85 -22.37
C LYS C 126 -12.94 16.46 -22.48
N HIS C 127 -14.01 16.17 -21.75
CA HIS C 127 -14.71 14.91 -21.81
C HIS C 127 -16.15 15.19 -22.21
N VAL C 128 -16.68 14.39 -23.13
CA VAL C 128 -18.03 14.58 -23.63
C VAL C 128 -19.05 13.97 -22.68
N VAL C 129 -19.89 14.82 -22.10
CA VAL C 129 -21.02 14.42 -21.26
C VAL C 129 -22.20 14.05 -22.16
N PHE C 130 -22.82 12.89 -21.90
CA PHE C 130 -23.88 12.42 -22.78
C PHE C 130 -25.05 11.75 -22.07
N GLY C 131 -25.08 11.72 -20.74
CA GLY C 131 -26.20 11.11 -20.06
C GLY C 131 -26.12 11.37 -18.57
N LYS C 132 -27.04 10.74 -17.85
CA LYS C 132 -27.03 10.86 -16.39
C LYS C 132 -27.73 9.65 -15.81
N VAL C 133 -27.37 9.34 -14.56
CA VAL C 133 -28.11 8.34 -13.79
C VAL C 133 -29.55 8.78 -13.61
N LYS C 134 -30.48 7.86 -13.88
CA LYS C 134 -31.90 8.06 -13.66
C LYS C 134 -32.23 7.43 -12.31
N GLU C 135 -32.25 6.10 -12.24
CA GLU C 135 -32.47 5.42 -10.97
C GLU C 135 -31.19 4.72 -10.54
N GLY C 136 -31.00 4.61 -9.23
CA GLY C 136 -29.89 3.87 -8.68
C GLY C 136 -28.67 4.66 -8.26
N MET C 137 -28.81 5.97 -8.00
CA MET C 137 -27.68 6.69 -7.43
C MET C 137 -27.22 6.02 -6.13
N ASN C 138 -28.13 5.40 -5.38
CA ASN C 138 -27.69 4.71 -4.16
C ASN C 138 -26.76 3.54 -4.49
N ILE C 139 -26.97 2.90 -5.64
CA ILE C 139 -26.07 1.82 -6.06
C ILE C 139 -24.72 2.39 -6.48
N VAL C 140 -24.71 3.54 -7.17
CA VAL C 140 -23.46 4.22 -7.48
C VAL C 140 -22.71 4.58 -6.20
N GLU C 141 -23.43 5.09 -5.19
CA GLU C 141 -22.78 5.38 -3.92
C GLU C 141 -22.18 4.15 -3.28
N ALA C 142 -22.85 3.00 -3.40
CA ALA C 142 -22.30 1.75 -2.89
C ALA C 142 -21.04 1.35 -3.66
N MET C 143 -21.09 1.43 -5.00
CA MET C 143 -19.87 1.18 -5.78
C MET C 143 -18.71 2.02 -5.34
N GLU C 144 -18.98 3.31 -5.08
CA GLU C 144 -17.93 4.23 -4.67
C GLU C 144 -17.22 3.76 -3.40
N ARG C 145 -17.94 3.08 -2.51
CA ARG C 145 -17.34 2.60 -1.27
C ARG C 145 -16.33 1.47 -1.48
N PHE C 146 -16.34 0.83 -2.64
CA PHE C 146 -15.33 -0.18 -2.95
C PHE C 146 -14.06 0.44 -3.51
N GLY C 147 -14.03 1.75 -3.76
CA GLY C 147 -12.87 2.39 -4.35
C GLY C 147 -11.81 2.75 -3.34
N SER C 148 -10.80 3.45 -3.84
CA SER C 148 -9.66 3.86 -3.02
C SER C 148 -8.98 5.02 -3.73
N ARG C 149 -7.96 5.59 -3.07
CA ARG C 149 -7.27 6.78 -3.58
C ARG C 149 -6.68 6.55 -4.97
N ASN C 150 -6.13 5.36 -5.25
CA ASN C 150 -5.56 5.08 -6.57
C ASN C 150 -6.55 4.40 -7.51
N GLY C 151 -7.81 4.27 -7.09
CA GLY C 151 -8.84 3.69 -7.93
C GLY C 151 -8.98 2.19 -7.86
N LYS C 152 -8.03 1.47 -7.26
CA LYS C 152 -8.17 0.03 -7.19
C LYS C 152 -9.31 -0.34 -6.24
N THR C 153 -10.10 -1.34 -6.60
CA THR C 153 -11.29 -1.66 -5.83
C THR C 153 -11.04 -2.85 -4.90
N SER C 154 -11.78 -2.87 -3.79
CA SER C 154 -11.54 -3.86 -2.75
C SER C 154 -12.22 -5.19 -3.06
N LYS C 155 -13.21 -5.18 -3.94
CA LYS C 155 -13.78 -6.36 -4.57
C LYS C 155 -14.02 -5.99 -6.03
N LYS C 156 -14.26 -7.00 -6.86
CA LYS C 156 -14.39 -6.77 -8.29
C LYS C 156 -15.82 -6.36 -8.65
N ILE C 157 -15.95 -5.17 -9.25
CA ILE C 157 -17.24 -4.56 -9.55
C ILE C 157 -17.46 -4.68 -11.06
N THR C 158 -18.52 -5.38 -11.47
CA THR C 158 -18.75 -5.63 -12.88
C THR C 158 -20.18 -5.32 -13.30
N ILE C 159 -20.35 -5.23 -14.61
CA ILE C 159 -21.64 -5.10 -15.26
C ILE C 159 -22.08 -6.53 -15.60
N ALA C 160 -22.85 -7.13 -14.69
CA ALA C 160 -23.27 -8.51 -14.90
C ALA C 160 -24.30 -8.63 -16.02
N ASP C 161 -25.12 -7.61 -16.21
CA ASP C 161 -26.09 -7.59 -17.29
C ASP C 161 -26.32 -6.12 -17.63
N CYS C 162 -26.78 -5.88 -18.85
CA CYS C 162 -27.07 -4.53 -19.29
C CYS C 162 -27.97 -4.61 -20.52
N GLY C 163 -28.69 -3.53 -20.77
CA GLY C 163 -29.59 -3.51 -21.89
C GLY C 163 -30.34 -2.20 -21.96
N GLN C 164 -31.30 -2.15 -22.87
CA GLN C 164 -32.11 -0.96 -23.08
C GLN C 164 -33.50 -1.19 -22.53
N LEU C 165 -34.03 -0.20 -21.81
CA LEU C 165 -35.38 -0.27 -21.28
C LEU C 165 -36.35 0.34 -22.30
N GLU C 166 -37.61 -0.08 -22.22
CA GLU C 166 -38.63 0.40 -23.14
C GLU C 166 -38.73 1.92 -23.03
N SER D 1 18.16 -39.31 12.01
CA SER D 1 18.60 -39.35 13.40
C SER D 1 18.11 -40.60 14.10
N MET D 2 18.88 -41.06 15.08
CA MET D 2 18.47 -42.16 15.94
C MET D 2 17.64 -41.72 17.14
N VAL D 3 17.59 -40.41 17.44
CA VAL D 3 16.90 -39.88 18.61
C VAL D 3 15.85 -38.84 18.24
N ASN D 4 16.10 -38.03 17.24
CA ASN D 4 15.23 -36.89 16.99
C ASN D 4 14.20 -37.24 15.94
N PRO D 5 12.91 -37.01 16.22
CA PRO D 5 11.88 -37.30 15.22
C PRO D 5 12.00 -36.40 13.99
N THR D 6 11.50 -36.92 12.87
CA THR D 6 11.35 -36.16 11.64
CA THR D 6 11.35 -36.17 11.64
C THR D 6 9.87 -36.01 11.34
N VAL D 7 9.44 -34.78 11.09
CA VAL D 7 8.08 -34.53 10.67
C VAL D 7 8.11 -33.81 9.34
N PHE D 8 6.98 -33.82 8.64
CA PHE D 8 6.88 -33.20 7.34
C PHE D 8 5.64 -32.34 7.24
N PHE D 9 5.73 -31.30 6.42
CA PHE D 9 4.60 -30.52 5.94
C PHE D 9 4.58 -30.62 4.42
N ASP D 10 3.41 -30.95 3.86
CA ASP D 10 3.14 -30.73 2.44
C ASP D 10 2.53 -29.35 2.27
N ILE D 11 3.26 -28.45 1.63
CA ILE D 11 2.87 -27.05 1.52
C ILE D 11 2.04 -26.87 0.26
N ALA D 12 0.98 -26.07 0.35
CA ALA D 12 0.13 -25.78 -0.78
C ALA D 12 0.00 -24.28 -0.98
N VAL D 13 -0.23 -23.89 -2.23
CA VAL D 13 -0.42 -22.51 -2.64
C VAL D 13 -1.81 -22.46 -3.27
N ASP D 14 -2.74 -21.77 -2.61
CA ASP D 14 -4.14 -21.76 -3.04
C ASP D 14 -4.63 -23.19 -3.34
N GLY D 15 -4.22 -24.14 -2.51
CA GLY D 15 -4.63 -25.52 -2.62
C GLY D 15 -3.75 -26.39 -3.49
N GLU D 16 -2.87 -25.81 -4.31
CA GLU D 16 -2.02 -26.60 -5.21
C GLU D 16 -0.72 -27.00 -4.53
N PRO D 17 -0.29 -28.25 -4.69
CA PRO D 17 0.93 -28.69 -4.00
C PRO D 17 2.16 -27.94 -4.50
N LEU D 18 2.90 -27.39 -3.54
CA LEU D 18 4.18 -26.76 -3.83
C LEU D 18 5.33 -27.74 -3.60
N GLY D 19 5.31 -28.45 -2.49
CA GLY D 19 6.34 -29.43 -2.20
C GLY D 19 6.35 -29.74 -0.72
N ARG D 20 7.27 -30.64 -0.35
CA ARG D 20 7.36 -31.12 1.01
C ARG D 20 8.56 -30.48 1.73
N VAL D 21 8.33 -30.07 2.97
CA VAL D 21 9.40 -29.65 3.88
C VAL D 21 9.42 -30.65 5.02
N SER D 22 10.60 -31.20 5.31
CA SER D 22 10.74 -32.03 6.50
C SER D 22 11.63 -31.34 7.51
N PHE D 23 11.42 -31.68 8.78
CA PHE D 23 12.12 -31.04 9.88
C PHE D 23 12.68 -32.10 10.81
N GLU D 24 13.93 -31.92 11.22
CA GLU D 24 14.45 -32.63 12.38
C GLU D 24 14.04 -31.85 13.64
N LEU D 25 13.42 -32.54 14.59
CA LEU D 25 13.02 -31.92 15.85
C LEU D 25 14.00 -32.33 16.92
N PHE D 26 14.62 -31.35 17.57
CA PHE D 26 15.73 -31.59 18.49
C PHE D 26 15.19 -32.00 19.87
N ALA D 27 14.57 -33.19 19.89
CA ALA D 27 14.08 -33.75 21.15
C ALA D 27 15.21 -34.05 22.11
N ASP D 28 16.39 -34.36 21.57
CA ASP D 28 17.57 -34.58 22.40
C ASP D 28 17.91 -33.40 23.31
N LYS D 29 17.68 -32.17 22.85
CA LYS D 29 18.04 -31.00 23.63
C LYS D 29 16.86 -30.17 24.09
N VAL D 30 15.72 -30.26 23.41
CA VAL D 30 14.56 -29.42 23.71
C VAL D 30 13.33 -30.33 23.70
N PRO D 31 13.26 -31.31 24.61
CA PRO D 31 12.26 -32.37 24.44
C PRO D 31 10.81 -31.93 24.53
N LYS D 32 10.46 -31.06 25.47
CA LYS D 32 9.04 -30.73 25.63
C LYS D 32 8.55 -29.93 24.43
N THR D 33 9.39 -29.02 23.94
CA THR D 33 9.01 -28.21 22.79
C THR D 33 8.98 -29.04 21.51
N ALA D 34 9.97 -29.92 21.33
CA ALA D 34 9.95 -30.81 20.17
C ALA D 34 8.72 -31.71 20.19
N GLU D 35 8.35 -32.22 21.37
CA GLU D 35 7.22 -33.14 21.44
C GLU D 35 5.92 -32.43 21.09
N ASN D 36 5.76 -31.18 21.54
CA ASN D 36 4.57 -30.42 21.16
C ASN D 36 4.45 -30.34 19.65
N PHE D 37 5.53 -29.93 18.98
CA PHE D 37 5.48 -29.78 17.53
C PHE D 37 5.24 -31.11 16.83
N ARG D 38 5.88 -32.18 17.32
CA ARG D 38 5.65 -33.51 16.75
C ARG D 38 4.19 -33.89 16.83
N ALA D 39 3.59 -33.76 18.02
CA ALA D 39 2.21 -34.18 18.19
C ALA D 39 1.24 -33.30 17.40
N LEU D 40 1.52 -31.99 17.32
CA LEU D 40 0.67 -31.13 16.50
C LEU D 40 0.79 -31.47 15.02
N SER D 41 1.95 -32.00 14.61
CA SER D 41 2.16 -32.41 13.23
C SER D 41 1.45 -33.73 12.90
N THR D 42 1.34 -34.65 13.86
CA THR D 42 0.60 -35.89 13.59
C THR D 42 -0.90 -35.72 13.81
N GLY D 43 -1.31 -34.70 14.55
CA GLY D 43 -2.72 -34.55 14.89
C GLY D 43 -3.22 -35.52 15.93
N GLU D 44 -2.33 -36.25 16.60
CA GLU D 44 -2.75 -37.39 17.40
C GLU D 44 -3.55 -37.00 18.64
N LYS D 45 -3.46 -35.75 19.08
CA LYS D 45 -4.29 -35.29 20.19
C LYS D 45 -5.68 -34.85 19.75
N GLY D 46 -5.98 -34.87 18.45
CA GLY D 46 -7.26 -34.44 17.94
C GLY D 46 -7.28 -33.06 17.33
N PHE D 47 -6.13 -32.40 17.29
CA PHE D 47 -6.00 -31.05 16.74
C PHE D 47 -4.56 -30.89 16.30
N GLY D 48 -4.30 -29.86 15.53
CA GLY D 48 -2.93 -29.64 15.11
C GLY D 48 -2.85 -28.83 13.82
N TYR D 49 -1.70 -28.95 13.17
CA TYR D 49 -1.33 -28.04 12.10
C TYR D 49 -2.05 -28.28 10.77
N LYS D 50 -2.59 -29.48 10.53
CA LYS D 50 -3.09 -29.78 9.20
C LYS D 50 -4.20 -28.81 8.83
N GLY D 51 -4.05 -28.15 7.67
CA GLY D 51 -5.02 -27.19 7.17
C GLY D 51 -4.68 -25.75 7.49
N SER D 52 -3.78 -25.51 8.45
CA SER D 52 -3.48 -24.16 8.88
C SER D 52 -2.57 -23.44 7.87
N CYS D 53 -2.44 -22.13 8.10
N CYS D 53 -2.47 -22.14 8.02
CA CYS D 53 -1.85 -21.18 7.16
CA CYS D 53 -1.78 -21.35 7.02
C CYS D 53 -0.50 -20.69 7.64
C CYS D 53 -0.57 -20.62 7.57
N PHE D 54 0.39 -20.39 6.69
CA PHE D 54 1.54 -19.52 6.95
C PHE D 54 1.05 -18.09 6.74
N HIS D 55 0.65 -17.44 7.83
CA HIS D 55 -0.01 -16.15 7.71
C HIS D 55 0.94 -14.99 7.54
N ARG D 56 2.22 -15.16 7.87
CA ARG D 56 3.16 -14.05 7.81
C ARG D 56 4.46 -14.55 7.20
N ILE D 57 4.79 -14.04 6.02
CA ILE D 57 6.00 -14.43 5.31
C ILE D 57 6.71 -13.15 4.92
N ILE D 58 7.90 -12.93 5.48
CA ILE D 58 8.66 -11.71 5.21
C ILE D 58 9.98 -12.11 4.57
N PRO D 59 10.17 -11.81 3.29
CA PRO D 59 11.40 -12.20 2.60
C PRO D 59 12.63 -11.64 3.30
N GLY D 60 13.65 -12.49 3.42
CA GLY D 60 14.85 -12.13 4.12
C GLY D 60 14.83 -12.45 5.60
N PHE D 61 13.68 -12.87 6.14
CA PHE D 61 13.58 -13.09 7.57
C PHE D 61 13.00 -14.46 7.92
N MET D 62 11.72 -14.68 7.65
N MET D 62 11.71 -14.68 7.67
CA MET D 62 11.11 -15.91 8.14
CA MET D 62 11.09 -15.90 8.17
C MET D 62 9.75 -16.15 7.50
C MET D 62 9.74 -16.14 7.53
N CYS D 63 9.29 -17.40 7.65
CA CYS D 63 7.93 -17.82 7.32
C CYS D 63 7.29 -18.29 8.62
N GLN D 64 6.18 -17.68 9.01
CA GLN D 64 5.52 -17.94 10.28
C GLN D 64 4.13 -18.53 10.06
N GLY D 65 3.79 -19.54 10.85
CA GLY D 65 2.48 -20.15 10.76
C GLY D 65 2.06 -20.77 12.08
N GLY D 66 1.06 -21.65 12.03
CA GLY D 66 0.71 -22.46 13.18
C GLY D 66 -0.55 -22.10 13.94
N ASP D 67 -1.36 -21.13 13.48
CA ASP D 67 -2.59 -20.79 14.18
C ASP D 67 -3.73 -21.64 13.63
N PHE D 68 -4.06 -22.72 14.33
CA PHE D 68 -5.15 -23.60 13.94
C PHE D 68 -6.41 -23.39 14.77
N THR D 69 -6.44 -22.40 15.67
CA THR D 69 -7.61 -22.16 16.50
C THR D 69 -8.40 -20.92 16.08
N ARG D 70 -7.73 -19.78 15.90
CA ARG D 70 -8.37 -18.57 15.44
C ARG D 70 -8.21 -18.36 13.96
N HIS D 71 -7.26 -19.04 13.33
CA HIS D 71 -7.05 -18.98 11.88
C HIS D 71 -6.79 -17.56 11.39
N ASN D 72 -6.19 -16.71 12.23
CA ASN D 72 -5.99 -15.32 11.83
C ASN D 72 -4.68 -14.73 12.35
N GLY D 73 -3.77 -15.55 12.86
CA GLY D 73 -2.50 -15.08 13.38
C GLY D 73 -2.50 -14.72 14.85
N THR D 74 -3.65 -14.80 15.54
CA THR D 74 -3.69 -14.44 16.94
C THR D 74 -3.80 -15.65 17.85
N GLY D 75 -4.05 -16.83 17.31
CA GLY D 75 -4.38 -17.99 18.11
C GLY D 75 -3.20 -18.91 18.33
N GLY D 76 -3.42 -19.87 19.18
CA GLY D 76 -2.36 -20.80 19.43
C GLY D 76 -2.80 -21.73 20.50
N LYS D 77 -2.38 -22.99 20.42
CA LYS D 77 -2.63 -23.89 21.52
C LYS D 77 -1.62 -25.02 21.46
N SER D 78 -1.04 -25.33 22.61
CA SER D 78 -0.10 -26.44 22.69
C SER D 78 -0.81 -27.71 23.17
N ILE D 79 -0.07 -28.82 23.19
CA ILE D 79 -0.58 -30.06 23.75
C ILE D 79 -0.62 -30.03 25.28
N TYR D 80 -0.05 -28.98 25.88
CA TYR D 80 0.04 -28.84 27.34
C TYR D 80 -0.97 -27.85 27.88
N GLY D 81 -1.75 -27.23 27.03
CA GLY D 81 -2.63 -26.14 27.41
C GLY D 81 -2.44 -24.99 26.46
N GLU D 82 -3.07 -23.85 26.77
CA GLU D 82 -3.00 -22.73 25.85
C GLU D 82 -1.55 -22.25 25.66
N LYS D 83 -0.77 -22.26 26.73
CA LYS D 83 0.63 -21.82 26.66
C LYS D 83 1.50 -22.70 27.53
N PHE D 84 2.81 -22.68 27.25
CA PHE D 84 3.81 -23.36 28.07
C PHE D 84 5.07 -22.52 28.13
N GLU D 85 5.87 -22.83 29.15
CA GLU D 85 7.04 -22.02 29.46
C GLU D 85 8.13 -22.20 28.42
N ASP D 86 9.02 -21.20 28.36
CA ASP D 86 10.24 -21.30 27.56
C ASP D 86 11.13 -22.39 28.16
N GLU D 87 11.35 -23.46 27.41
CA GLU D 87 12.01 -24.65 27.95
C GLU D 87 13.49 -24.40 28.19
N ASN D 88 14.19 -23.90 27.17
CA ASN D 88 15.59 -23.52 27.31
C ASN D 88 15.97 -22.66 26.12
N PHE D 89 17.14 -22.03 26.20
CA PHE D 89 17.68 -21.25 25.11
C PHE D 89 19.04 -21.80 24.68
N ILE D 90 19.16 -23.13 24.69
CA ILE D 90 20.43 -23.77 24.33
C ILE D 90 20.79 -23.48 22.88
N LEU D 91 19.81 -23.54 21.98
CA LEU D 91 20.09 -23.35 20.56
C LEU D 91 19.75 -21.93 20.13
N LYS D 92 20.48 -21.45 19.11
CA LYS D 92 20.35 -20.09 18.62
C LYS D 92 19.84 -20.07 17.18
N HIS D 93 19.46 -18.87 16.76
CA HIS D 93 18.92 -18.63 15.42
C HIS D 93 20.09 -18.36 14.48
N THR D 94 20.73 -19.44 14.04
CA THR D 94 22.04 -19.35 13.42
C THR D 94 21.99 -19.19 11.90
N GLY D 95 20.85 -19.40 11.27
CA GLY D 95 20.77 -19.27 9.83
C GLY D 95 19.50 -19.86 9.23
N PRO D 96 19.44 -19.93 7.91
CA PRO D 96 18.24 -20.45 7.25
C PRO D 96 17.90 -21.86 7.68
N GLY D 97 16.60 -22.13 7.81
CA GLY D 97 16.12 -23.45 8.14
C GLY D 97 15.86 -23.67 9.61
N ILE D 98 16.33 -22.77 10.47
CA ILE D 98 16.08 -22.93 11.90
C ILE D 98 14.58 -22.82 12.17
N LEU D 99 14.08 -23.73 13.01
CA LEU D 99 12.68 -23.80 13.41
C LEU D 99 12.57 -23.39 14.86
N SER D 100 11.74 -22.39 15.14
CA SER D 100 11.69 -21.76 16.44
C SER D 100 10.25 -21.39 16.78
N MET D 101 9.98 -21.22 18.07
CA MET D 101 8.62 -20.92 18.53
C MET D 101 8.33 -19.42 18.45
N ALA D 102 7.17 -19.09 17.88
CA ALA D 102 6.66 -17.73 17.99
C ALA D 102 6.09 -17.52 19.39
N ASN D 103 5.97 -16.27 19.82
CA ASN D 103 5.43 -16.03 21.14
C ASN D 103 4.99 -14.58 21.29
N ALA D 104 4.34 -14.30 22.41
CA ALA D 104 3.90 -12.97 22.79
C ALA D 104 4.59 -12.53 24.08
N GLY D 105 5.88 -12.85 24.20
CA GLY D 105 6.64 -12.53 25.39
C GLY D 105 7.02 -13.79 26.15
N PRO D 106 7.65 -13.62 27.30
CA PRO D 106 8.15 -14.78 28.05
C PRO D 106 7.07 -15.79 28.36
N ASN D 107 7.40 -17.07 28.16
CA ASN D 107 6.56 -18.18 28.62
C ASN D 107 5.16 -18.17 28.01
N THR D 108 5.07 -17.94 26.70
CA THR D 108 3.78 -17.91 26.00
C THR D 108 3.78 -18.80 24.75
N ASN D 109 4.58 -19.85 24.75
CA ASN D 109 4.59 -20.78 23.61
C ASN D 109 3.25 -21.48 23.47
N GLY D 110 2.76 -21.60 22.25
CA GLY D 110 1.52 -22.31 21.99
C GLY D 110 1.73 -23.29 20.86
N SER D 111 1.28 -22.90 19.67
CA SER D 111 1.53 -23.65 18.46
C SER D 111 2.21 -22.87 17.36
N GLN D 112 2.11 -21.54 17.35
CA GLN D 112 2.74 -20.77 16.27
C GLN D 112 4.25 -20.93 16.32
N PHE D 113 4.84 -20.98 15.14
CA PHE D 113 6.26 -21.24 14.96
C PHE D 113 6.73 -20.43 13.76
N PHE D 114 8.04 -20.37 13.57
CA PHE D 114 8.58 -19.75 12.37
C PHE D 114 9.79 -20.53 11.89
N ILE D 115 10.00 -20.44 10.57
CA ILE D 115 11.14 -21.01 9.89
C ILE D 115 12.00 -19.85 9.42
N CYS D 116 13.23 -19.77 9.92
CA CYS D 116 14.11 -18.69 9.51
C CYS D 116 14.57 -18.89 8.08
N THR D 117 14.66 -17.79 7.34
CA THR D 117 15.32 -17.81 6.04
C THR D 117 16.64 -17.06 6.05
N ALA D 118 17.09 -16.65 7.23
CA ALA D 118 18.35 -15.94 7.46
C ALA D 118 18.67 -16.07 8.93
N LYS D 119 19.90 -15.71 9.30
CA LYS D 119 20.25 -15.62 10.70
C LYS D 119 19.41 -14.51 11.35
N THR D 120 18.80 -14.80 12.51
CA THR D 120 17.98 -13.83 13.24
C THR D 120 18.43 -13.79 14.70
N GLU D 121 19.66 -13.33 14.91
CA GLU D 121 20.31 -13.43 16.21
C GLU D 121 19.64 -12.60 17.30
N TRP D 122 18.93 -11.53 16.93
CA TRP D 122 18.23 -10.73 17.92
C TRP D 122 17.09 -11.48 18.59
N LEU D 123 16.69 -12.64 18.05
CA LEU D 123 15.68 -13.47 18.70
C LEU D 123 16.28 -14.46 19.68
N ASP D 124 17.60 -14.61 19.72
CA ASP D 124 18.24 -15.55 20.63
C ASP D 124 17.91 -15.18 22.07
N GLY D 125 17.56 -16.18 22.87
CA GLY D 125 17.24 -15.95 24.25
C GLY D 125 15.82 -15.46 24.48
N LYS D 126 15.07 -15.22 23.42
CA LYS D 126 13.68 -14.80 23.50
C LYS D 126 12.72 -15.79 22.85
N HIS D 127 13.15 -16.51 21.83
CA HIS D 127 12.36 -17.54 21.17
C HIS D 127 13.12 -18.86 21.28
N VAL D 128 12.38 -19.92 21.60
CA VAL D 128 12.96 -21.24 21.79
C VAL D 128 13.14 -21.93 20.45
N VAL D 129 14.41 -22.18 20.09
CA VAL D 129 14.77 -22.93 18.90
C VAL D 129 14.68 -24.43 19.21
N PHE D 130 14.03 -25.19 18.33
CA PHE D 130 13.82 -26.60 18.64
C PHE D 130 13.92 -27.54 17.44
N GLY D 131 14.28 -27.05 16.27
CA GLY D 131 14.41 -27.95 15.14
C GLY D 131 15.05 -27.23 13.96
N LYS D 132 15.13 -27.93 12.84
CA LYS D 132 15.70 -27.35 11.63
CA LYS D 132 15.70 -27.35 11.63
C LYS D 132 15.14 -28.08 10.43
N VAL D 133 15.02 -27.37 9.32
CA VAL D 133 14.63 -28.01 8.07
C VAL D 133 15.65 -29.07 7.71
N LYS D 134 15.16 -30.26 7.38
CA LYS D 134 15.99 -31.38 6.92
C LYS D 134 16.03 -31.35 5.40
N GLU D 135 14.91 -31.66 4.76
CA GLU D 135 14.82 -31.56 3.32
C GLU D 135 13.76 -30.54 2.96
N GLY D 136 13.89 -29.98 1.75
CA GLY D 136 12.91 -29.03 1.27
C GLY D 136 13.19 -27.57 1.55
N MET D 137 14.45 -27.20 1.86
CA MET D 137 14.75 -25.78 1.98
C MET D 137 14.39 -25.02 0.71
N ASN D 138 14.52 -25.67 -0.46
CA ASN D 138 14.08 -25.03 -1.70
C ASN D 138 12.59 -24.71 -1.67
N ILE D 139 11.79 -25.53 -0.98
CA ILE D 139 10.36 -25.24 -0.88
C ILE D 139 10.13 -24.04 0.04
N VAL D 140 10.88 -23.95 1.15
CA VAL D 140 10.80 -22.77 2.01
C VAL D 140 11.18 -21.52 1.23
N GLU D 141 12.25 -21.60 0.42
CA GLU D 141 12.65 -20.46 -0.39
C GLU D 141 11.55 -20.07 -1.38
N ALA D 142 10.87 -21.06 -1.95
CA ALA D 142 9.73 -20.77 -2.82
C ALA D 142 8.59 -20.12 -2.04
N MET D 143 8.39 -20.52 -0.77
CA MET D 143 7.32 -19.93 0.03
C MET D 143 7.64 -18.47 0.29
N GLU D 144 8.91 -18.19 0.61
CA GLU D 144 9.35 -16.86 0.98
C GLU D 144 8.99 -15.85 -0.09
N ARG D 145 8.94 -16.28 -1.35
CA ARG D 145 8.65 -15.39 -2.46
C ARG D 145 7.19 -14.93 -2.50
N PHE D 146 6.28 -15.62 -1.83
CA PHE D 146 4.89 -15.18 -1.75
C PHE D 146 4.67 -14.11 -0.68
N GLY D 147 5.70 -13.78 0.09
CA GLY D 147 5.56 -12.82 1.15
C GLY D 147 5.74 -11.39 0.68
N SER D 148 5.80 -10.50 1.66
CA SER D 148 5.95 -9.08 1.39
C SER D 148 6.53 -8.44 2.63
N ARG D 149 6.80 -7.14 2.52
CA ARG D 149 7.48 -6.42 3.59
C ARG D 149 6.72 -6.48 4.91
N ASN D 150 5.38 -6.45 4.85
CA ASN D 150 4.60 -6.50 6.08
C ASN D 150 4.12 -7.90 6.40
N GLY D 151 4.58 -8.91 5.63
CA GLY D 151 4.24 -10.30 5.88
C GLY D 151 3.00 -10.81 5.20
N LYS D 152 2.15 -9.93 4.66
CA LYS D 152 0.96 -10.44 3.98
C LYS D 152 1.37 -11.20 2.73
N THR D 153 0.69 -12.30 2.45
CA THR D 153 1.06 -13.15 1.33
C THR D 153 0.14 -12.91 0.15
N SER D 154 0.69 -13.10 -1.06
CA SER D 154 -0.05 -12.81 -2.28
C SER D 154 -0.96 -13.95 -2.69
N LYS D 155 -0.68 -15.16 -2.19
CA LYS D 155 -1.53 -16.33 -2.32
C LYS D 155 -1.55 -17.00 -0.96
N LYS D 156 -2.57 -17.83 -0.73
CA LYS D 156 -2.72 -18.47 0.56
C LYS D 156 -1.84 -19.70 0.66
N ILE D 157 -0.90 -19.66 1.60
CA ILE D 157 0.10 -20.72 1.77
C ILE D 157 -0.32 -21.55 2.98
N THR D 158 -0.55 -22.84 2.76
CA THR D 158 -1.10 -23.69 3.81
C THR D 158 -0.33 -25.00 3.97
N ILE D 159 -0.57 -25.62 5.11
CA ILE D 159 -0.08 -26.97 5.40
C ILE D 159 -1.20 -27.91 4.96
N ALA D 160 -1.10 -28.41 3.72
CA ALA D 160 -2.14 -29.27 3.20
C ALA D 160 -2.12 -30.65 3.86
N ASP D 161 -0.96 -31.12 4.29
CA ASP D 161 -0.91 -32.38 5.00
C ASP D 161 0.36 -32.31 5.85
N CYS D 162 0.39 -33.10 6.91
CA CYS D 162 1.58 -33.13 7.76
C CYS D 162 1.53 -34.42 8.58
N GLY D 163 2.70 -34.81 9.09
CA GLY D 163 2.79 -36.04 9.82
C GLY D 163 4.22 -36.33 10.21
N GLN D 164 4.44 -37.54 10.72
CA GLN D 164 5.76 -37.97 11.17
C GLN D 164 6.30 -39.03 10.22
N LEU D 165 7.59 -38.92 9.89
CA LEU D 165 8.25 -39.91 9.04
C LEU D 165 9.02 -40.90 9.90
N GLU D 166 8.92 -42.17 9.52
CA GLU D 166 9.64 -43.28 10.16
C GLU D 166 9.74 -43.20 11.70
#